data_8S05
#
_entry.id   8S05
#
_cell.length_a   50.100
_cell.length_b   147.400
_cell.length_c   62.640
_cell.angle_alpha   90.00
_cell.angle_beta   107.16
_cell.angle_gamma   90.00
#
_symmetry.space_group_name_H-M   'P 1 21 1'
#
loop_
_entity.id
_entity.type
_entity.pdbx_description
1 polymer 'Conserved protein'
2 polymer 'Conserved protein'
3 non-polymer 'SODIUM ION'
4 non-polymer 'ZINC ION'
5 water water
#
loop_
_entity_poly.entity_id
_entity_poly.type
_entity_poly.pdbx_seq_one_letter_code
_entity_poly.pdbx_strand_id
1 'polypeptide(L)'
;MATTISVKAELSHKYSFTSPLKGVFRLIIVPEKVSTARGFHYIILLDTSGSMYGVKIETAKQGAMELLSRIPEGNKISFL
TFSNNVNILSEYADAPSLVQQIKQIRSGGQTVLYRALERAIEIAKKHDLPGYIILLTDGQPTDVPETDAYEKLNYPEAYK
VIAFGIGDDYNERLLKVITDKTAGILYHVEDAKEIAEMLPQSAVTEIGAKNVSIDIVSETQVKLLNYPGPPVKLGAVESV
VRVYGEIIIPPNFTGRLATVKISYEDPLSSRINRLEVNFDITRANDVKRFLDGINNDLVNEYRYYELMSKLANQLNSNNL
SEATRTVEQMQMIAQQTRRMELIETTRRISESIETTRRIGTVEQTRKISKEITSEVTKKLRSHHHHH
;
A,B
2 'polypeptide(L)'
;MWSHPQFEKLEVLFQGPSTWKCNLCGYENDDDALFCIKCGAQKSSEAQQLPQQQPSEPQAQGVVTQQQVVTNPPVQAQVA
TPQQPAQQPVLPQPEPAQPQPVSSTPAPQQASQPTNRYYIYFIQTPNENLVNKKVLLNFDLFPSVSMGRSPENIVIVPDS
EVSRKHAVIYLDNSELYIEDLNSTNGTYVYDGKQFTPIKGKQKIEPNSIIKLGNQTIVRILKE
;
C,D
#
# COMPACT_ATOMS: atom_id res chain seq x y z
N MET A 1 24.24 2.79 6.22
CA MET A 1 23.45 2.65 7.44
C MET A 1 22.57 3.87 7.64
N THR A 4 22.88 4.97 6.96
CA THR A 4 22.05 6.16 7.09
C THR A 4 21.94 6.90 5.77
N ILE A 5 21.10 7.93 5.81
CA ILE A 5 20.74 8.76 4.67
C ILE A 5 20.88 10.21 5.10
N SER A 6 21.39 11.06 4.21
CA SER A 6 21.44 12.49 4.44
C SER A 6 20.61 13.18 3.37
N VAL A 7 20.03 14.32 3.72
CA VAL A 7 19.12 15.03 2.84
C VAL A 7 19.52 16.49 2.75
N LYS A 8 19.67 16.98 1.52
CA LYS A 8 19.76 18.41 1.25
C LYS A 8 18.55 18.77 0.39
N ALA A 9 17.75 19.73 0.84
CA ALA A 9 16.54 20.13 0.13
C ALA A 9 16.66 21.59 -0.24
N GLU A 10 16.41 21.90 -1.51
CA GLU A 10 16.55 23.27 -1.99
C GLU A 10 15.32 23.65 -2.81
N LEU A 11 14.83 24.87 -2.57
CA LEU A 11 13.74 25.46 -3.32
C LEU A 11 14.28 26.54 -4.24
N SER A 12 13.59 26.72 -5.38
CA SER A 12 14.09 27.65 -6.38
C SER A 12 13.94 29.10 -5.93
N HIS A 13 12.92 29.41 -5.11
CA HIS A 13 12.59 30.79 -4.76
C HIS A 13 12.75 31.00 -3.26
N LYS A 14 13.45 32.08 -2.89
CA LYS A 14 13.51 32.54 -1.51
C LYS A 14 12.40 33.53 -1.17
N TYR A 15 11.93 34.30 -2.15
CA TYR A 15 10.87 35.27 -1.94
C TYR A 15 9.76 35.09 -2.97
N SER A 16 8.55 35.46 -2.59
CA SER A 16 7.40 35.48 -3.50
C SER A 16 7.15 36.90 -4.00
N PHE A 17 6.21 37.01 -4.94
CA PHE A 17 5.86 38.32 -5.50
C PHE A 17 4.41 38.27 -5.97
N THR A 18 4.04 39.20 -6.86
CA THR A 18 2.64 39.49 -7.15
C THR A 18 1.97 38.46 -8.06
N SER A 19 2.71 37.50 -8.61
CA SER A 19 2.12 36.55 -9.54
C SER A 19 2.10 35.16 -8.93
N PRO A 20 1.16 34.30 -9.34
CA PRO A 20 1.33 32.87 -9.04
C PRO A 20 2.65 32.40 -9.62
N LEU A 21 3.47 31.77 -8.77
CA LEU A 21 4.82 31.39 -9.15
C LEU A 21 4.92 29.88 -9.21
N LYS A 22 5.69 29.37 -10.16
CA LYS A 22 5.99 27.94 -10.21
C LYS A 22 7.36 27.76 -9.56
N GLY A 23 7.34 27.50 -8.25
CA GLY A 23 8.57 27.14 -7.59
C GLY A 23 8.93 25.70 -7.90
N VAL A 24 10.23 25.44 -7.99
CA VAL A 24 10.71 24.09 -8.21
C VAL A 24 11.69 23.77 -7.10
N PHE A 25 11.74 22.50 -6.72
CA PHE A 25 12.58 22.05 -5.63
C PHE A 25 13.29 20.77 -6.01
N ARG A 26 14.37 20.51 -5.27
CA ARG A 26 15.20 19.33 -5.46
C ARG A 26 15.57 18.79 -4.09
N LEU A 27 15.37 17.49 -3.91
CA LEU A 27 15.80 16.76 -2.74
C LEU A 27 16.94 15.85 -3.16
N ILE A 28 18.11 16.03 -2.55
CA ILE A 28 19.27 15.18 -2.78
C ILE A 28 19.41 14.29 -1.56
N ILE A 29 19.31 12.98 -1.78
CA ILE A 29 19.40 11.96 -0.74
C ILE A 29 20.67 11.18 -0.98
N VAL A 30 21.59 11.21 -0.01
CA VAL A 30 22.93 10.65 -0.14
C VAL A 30 23.03 9.47 0.83
N PRO A 31 23.36 8.27 0.35
CA PRO A 31 23.61 7.15 1.27
C PRO A 31 25.00 7.20 1.87
N GLU A 32 25.07 6.91 3.17
CA GLU A 32 26.31 7.00 3.93
C GLU A 32 26.58 5.66 4.62
N LYS A 33 27.86 5.28 4.65
CA LYS A 33 28.29 4.05 5.31
C LYS A 33 27.33 2.91 4.96
N VAL A 34 27.39 2.48 3.71
CA VAL A 34 26.37 1.56 3.20
C VAL A 34 26.69 0.16 3.69
N SER A 35 25.65 -0.57 4.07
CA SER A 35 25.77 -1.91 4.61
C SER A 35 25.06 -2.88 3.69
N THR A 36 25.20 -4.18 4.01
CA THR A 36 24.63 -5.21 3.16
C THR A 36 23.12 -5.12 3.10
N ALA A 37 22.58 -5.31 1.91
CA ALA A 37 21.14 -5.21 1.65
C ALA A 37 20.49 -6.56 1.88
N ARG A 38 19.52 -6.60 2.79
CA ARG A 38 18.84 -7.84 3.12
C ARG A 38 17.36 -7.58 3.30
N GLY A 39 16.58 -8.64 3.23
CA GLY A 39 15.14 -8.52 3.38
C GLY A 39 14.42 -7.97 2.17
N PHE A 40 14.91 -8.30 0.97
CA PHE A 40 14.30 -7.85 -0.27
C PHE A 40 13.83 -9.06 -1.07
N HIS A 41 12.78 -8.85 -1.85
CA HIS A 41 12.14 -9.91 -2.64
C HIS A 41 12.37 -9.57 -4.11
N TYR A 42 13.28 -10.30 -4.75
CA TYR A 42 13.50 -10.16 -6.18
C TYR A 42 12.53 -11.08 -6.92
N ILE A 43 11.83 -10.52 -7.91
CA ILE A 43 10.89 -11.27 -8.74
C ILE A 43 11.38 -11.13 -10.18
N ILE A 44 11.83 -12.23 -10.77
CA ILE A 44 12.40 -12.23 -12.10
C ILE A 44 11.34 -12.68 -13.10
N LEU A 45 11.12 -11.88 -14.14
CA LEU A 45 10.17 -12.20 -15.20
C LEU A 45 10.94 -12.31 -16.52
N LEU A 46 11.10 -13.54 -17.00
CA LEU A 46 11.87 -13.81 -18.21
C LEU A 46 10.95 -14.18 -19.36
N ASP A 47 11.03 -13.41 -20.45
CA ASP A 47 10.35 -13.76 -21.69
C ASP A 47 11.10 -14.91 -22.37
N THR A 48 10.37 -15.98 -22.67
CA THR A 48 10.92 -17.14 -23.37
C THR A 48 10.17 -17.39 -24.68
N SER A 49 9.64 -16.34 -25.29
CA SER A 49 8.85 -16.49 -26.50
C SER A 49 9.72 -17.06 -27.62
N GLY A 50 9.06 -17.45 -28.71
CA GLY A 50 9.78 -18.01 -29.84
C GLY A 50 10.92 -17.12 -30.30
N SER A 51 10.66 -15.82 -30.40
CA SER A 51 11.69 -14.89 -30.85
C SER A 51 12.92 -14.91 -29.95
N MET A 52 12.78 -15.42 -28.71
CA MET A 52 13.91 -15.48 -27.79
C MET A 52 14.88 -16.60 -28.11
N TYR A 53 14.46 -17.60 -28.89
CA TYR A 53 15.33 -18.71 -29.22
C TYR A 53 16.67 -18.21 -29.73
N GLY A 54 17.76 -18.82 -29.24
CA GLY A 54 19.09 -18.54 -29.72
C GLY A 54 19.96 -17.90 -28.64
N VAL A 55 20.77 -16.94 -29.06
CA VAL A 55 21.72 -16.30 -28.14
C VAL A 55 21.00 -15.51 -27.07
N LYS A 56 19.83 -14.95 -27.39
CA LYS A 56 19.15 -14.10 -26.42
C LYS A 56 18.79 -14.88 -25.16
N ILE A 57 18.19 -16.06 -25.34
CA ILE A 57 17.69 -16.80 -24.18
C ILE A 57 18.81 -17.49 -23.43
N GLU A 58 19.80 -18.02 -24.13
CA GLU A 58 20.93 -18.64 -23.44
C GLU A 58 21.70 -17.60 -22.63
N THR A 59 21.89 -16.41 -23.21
CA THR A 59 22.56 -15.34 -22.47
C THR A 59 21.71 -14.88 -21.29
N ALA A 60 20.38 -14.85 -21.47
CA ALA A 60 19.51 -14.48 -20.37
C ALA A 60 19.58 -15.50 -19.24
N LYS A 61 19.60 -16.79 -19.56
CA LYS A 61 19.71 -17.82 -18.54
C LYS A 61 21.00 -17.67 -17.76
N GLN A 62 22.12 -17.53 -18.46
CA GLN A 62 23.41 -17.40 -17.77
C GLN A 62 23.44 -16.13 -16.92
N GLY A 63 22.97 -15.02 -17.47
CA GLY A 63 22.91 -13.79 -16.70
C GLY A 63 22.03 -13.90 -15.49
N ALA A 64 20.92 -14.65 -15.61
CA ALA A 64 20.04 -14.86 -14.47
C ALA A 64 20.76 -15.61 -13.36
N MET A 65 21.51 -16.66 -13.72
CA MET A 65 22.25 -17.40 -12.71
C MET A 65 23.29 -16.50 -12.04
N GLU A 66 23.95 -15.65 -12.84
CA GLU A 66 24.98 -14.79 -12.24
C GLU A 66 24.33 -13.76 -11.33
N LEU A 67 23.14 -13.28 -11.72
CA LEU A 67 22.39 -12.36 -10.88
C LEU A 67 22.07 -13.01 -9.55
N LEU A 68 21.53 -14.23 -9.59
CA LEU A 68 21.22 -14.92 -8.35
C LEU A 68 22.47 -15.05 -7.50
N SER A 69 23.61 -15.32 -8.13
CA SER A 69 24.85 -15.41 -7.36
C SER A 69 25.17 -14.09 -6.66
N ARG A 70 24.89 -12.97 -7.32
CA ARG A 70 25.30 -11.68 -6.75
C ARG A 70 24.40 -11.22 -5.61
N ILE A 71 23.14 -11.62 -5.58
CA ILE A 71 22.23 -11.11 -4.53
C ILE A 71 22.71 -11.59 -3.16
N PRO A 72 22.76 -10.74 -2.15
CA PRO A 72 23.14 -11.20 -0.80
C PRO A 72 22.17 -12.25 -0.28
N GLU A 73 22.58 -12.92 0.80
CA GLU A 73 21.92 -14.15 1.22
C GLU A 73 20.61 -13.93 1.97
N GLY A 74 20.42 -12.76 2.57
CA GLY A 74 19.25 -12.56 3.40
C GLY A 74 18.03 -12.13 2.63
N ASN A 75 17.96 -12.50 1.35
CA ASN A 75 16.90 -12.04 0.46
C ASN A 75 16.11 -13.22 -0.07
N LYS A 76 14.89 -12.94 -0.53
CA LYS A 76 14.01 -13.93 -1.11
C LYS A 76 13.93 -13.71 -2.61
N ILE A 77 13.77 -14.80 -3.35
CA ILE A 77 13.84 -14.78 -4.81
C ILE A 77 12.61 -15.49 -5.36
N SER A 78 11.96 -14.86 -6.34
CA SER A 78 10.88 -15.47 -7.10
C SER A 78 11.28 -15.41 -8.57
N PHE A 79 10.97 -16.47 -9.31
CA PHE A 79 11.36 -16.57 -10.71
C PHE A 79 10.17 -16.98 -11.55
N LEU A 80 9.88 -16.19 -12.56
CA LEU A 80 8.75 -16.41 -13.44
C LEU A 80 9.23 -16.44 -14.90
N THR A 81 8.62 -17.30 -15.71
CA THR A 81 8.93 -17.41 -17.14
C THR A 81 7.60 -17.35 -17.90
N PHE A 82 7.45 -16.34 -18.74
CA PHE A 82 6.18 -15.97 -19.37
C PHE A 82 6.46 -15.75 -20.82
N SER A 83 5.46 -15.92 -21.65
CA SER A 83 5.66 -16.35 -23.04
C SER A 83 4.36 -17.10 -23.50
N ASN A 84 4.22 -18.43 -23.70
CA ASN A 84 2.82 -18.78 -23.99
C ASN A 84 1.86 -18.77 -22.77
N ASN A 85 2.28 -19.18 -21.56
CA ASN A 85 1.49 -19.08 -20.33
C ASN A 85 2.50 -18.77 -19.24
N VAL A 86 2.03 -18.28 -18.10
CA VAL A 86 2.95 -17.93 -17.03
C VAL A 86 3.38 -19.21 -16.32
N ASN A 87 4.67 -19.30 -16.02
CA ASN A 87 5.25 -20.48 -15.37
C ASN A 87 6.10 -20.02 -14.20
N ILE A 88 5.73 -20.45 -13.00
CA ILE A 88 6.44 -20.07 -11.78
C ILE A 88 7.48 -21.15 -11.49
N LEU A 89 8.75 -20.78 -11.54
CA LEU A 89 9.80 -21.73 -11.20
C LEU A 89 10.01 -21.80 -9.69
N SER A 90 9.95 -20.66 -9.01
CA SER A 90 10.06 -20.63 -7.56
C SER A 90 9.40 -19.35 -7.07
N GLU A 91 8.92 -19.40 -5.82
CA GLU A 91 8.17 -18.30 -5.22
C GLU A 91 8.69 -18.06 -3.81
N TYR A 92 9.20 -16.86 -3.55
CA TYR A 92 9.64 -16.47 -2.22
C TYR A 92 10.61 -17.50 -1.64
N ALA A 93 11.58 -17.92 -2.46
CA ALA A 93 12.50 -18.97 -2.06
C ALA A 93 13.96 -18.53 -2.04
N ASP A 94 14.87 -19.47 -2.21
CA ASP A 94 16.29 -19.21 -2.34
C ASP A 94 16.79 -19.64 -3.71
N ALA A 95 18.04 -19.30 -4.00
CA ALA A 95 18.58 -19.49 -5.34
C ALA A 95 18.88 -20.94 -5.68
N PRO A 96 19.40 -21.74 -4.74
CA PRO A 96 19.78 -23.13 -5.10
C PRO A 96 18.67 -23.87 -5.80
N SER A 97 17.41 -23.62 -5.43
CA SER A 97 16.29 -24.29 -6.08
C SER A 97 16.30 -24.07 -7.59
N LEU A 98 16.71 -22.87 -8.03
CA LEU A 98 16.42 -22.44 -9.39
C LEU A 98 17.42 -22.95 -10.43
N VAL A 99 18.68 -23.17 -10.05
CA VAL A 99 19.72 -23.37 -11.08
C VAL A 99 19.33 -24.49 -12.03
N GLN A 100 18.88 -25.61 -11.48
CA GLN A 100 18.49 -26.74 -12.32
C GLN A 100 17.32 -26.35 -13.20
N GLN A 101 16.36 -25.61 -12.65
CA GLN A 101 15.18 -25.25 -13.43
C GLN A 101 15.51 -24.19 -14.47
N ILE A 102 16.39 -23.25 -14.12
CA ILE A 102 16.83 -22.27 -15.10
C ILE A 102 17.45 -22.99 -16.29
N LYS A 103 18.17 -24.08 -16.03
CA LYS A 103 18.82 -24.80 -17.12
C LYS A 103 17.84 -25.48 -18.07
N GLN A 104 16.61 -25.75 -17.64
CA GLN A 104 15.62 -26.42 -18.48
C GLN A 104 14.70 -25.46 -19.23
N ILE A 105 14.91 -24.15 -19.09
CA ILE A 105 14.07 -23.19 -19.79
C ILE A 105 14.21 -23.40 -21.29
N ARG A 106 13.08 -23.44 -22.00
CA ARG A 106 13.05 -23.56 -23.44
C ARG A 106 12.29 -22.39 -24.06
N SER A 107 12.68 -22.03 -25.27
CA SER A 107 12.01 -20.97 -26.00
C SER A 107 10.78 -21.52 -26.71
N GLY A 108 9.88 -20.63 -27.08
CA GLY A 108 8.68 -21.02 -27.78
C GLY A 108 7.42 -20.40 -27.19
N GLY A 109 6.50 -20.01 -28.06
CA GLY A 109 5.25 -19.40 -27.65
C GLY A 109 5.22 -17.90 -27.92
N GLN A 110 4.09 -17.29 -27.58
CA GLN A 110 3.85 -15.86 -27.76
C GLN A 110 4.43 -15.16 -26.55
N THR A 111 4.07 -13.89 -26.32
CA THR A 111 4.48 -13.14 -25.14
C THR A 111 3.23 -12.67 -24.40
N VAL A 112 3.09 -13.11 -23.15
CA VAL A 112 1.93 -12.75 -22.34
C VAL A 112 2.40 -11.88 -21.18
N LEU A 113 2.89 -10.69 -21.50
CA LEU A 113 3.50 -9.85 -20.48
C LEU A 113 2.49 -9.41 -19.42
N TYR A 114 1.24 -9.19 -19.83
CA TYR A 114 0.26 -8.64 -18.89
C TYR A 114 -0.02 -9.64 -17.78
N ARG A 115 -0.22 -10.91 -18.13
CA ARG A 115 -0.53 -11.91 -17.13
C ARG A 115 0.69 -12.20 -16.26
N ALA A 116 1.89 -12.12 -16.84
CA ALA A 116 3.11 -12.27 -16.04
C ALA A 116 3.23 -11.15 -15.03
N LEU A 117 2.94 -9.91 -15.43
CA LEU A 117 3.03 -8.80 -14.49
C LEU A 117 1.96 -8.92 -13.40
N GLU A 118 0.73 -9.29 -13.78
CA GLU A 118 -0.31 -9.54 -12.78
C GLU A 118 0.15 -10.55 -11.75
N ARG A 119 0.77 -11.65 -12.21
CA ARG A 119 1.23 -12.68 -11.30
C ARG A 119 2.35 -12.14 -10.41
N ALA A 120 3.28 -11.38 -11.00
CA ALA A 120 4.36 -10.81 -10.20
C ALA A 120 3.81 -9.91 -9.11
N ILE A 121 2.78 -9.13 -9.44
CA ILE A 121 2.17 -8.23 -8.47
C ILE A 121 1.52 -9.04 -7.34
N GLU A 122 0.80 -10.11 -7.69
CA GLU A 122 0.20 -10.93 -6.65
C GLU A 122 1.27 -11.51 -5.73
N ILE A 123 2.37 -11.98 -6.32
CA ILE A 123 3.43 -12.60 -5.53
C ILE A 123 4.07 -11.57 -4.62
N ALA A 124 4.36 -10.38 -5.14
CA ALA A 124 4.92 -9.32 -4.31
C ALA A 124 3.98 -8.97 -3.17
N LYS A 125 2.68 -8.94 -3.44
CA LYS A 125 1.71 -8.57 -2.42
C LYS A 125 1.44 -9.70 -1.44
N LYS A 126 1.98 -10.90 -1.69
CA LYS A 126 1.82 -11.97 -0.72
C LYS A 126 2.63 -11.75 0.56
N HIS A 127 3.55 -10.78 0.59
CA HIS A 127 4.39 -10.60 1.77
C HIS A 127 4.75 -9.11 1.92
N ASP A 128 5.27 -8.78 3.10
CA ASP A 128 5.49 -7.40 3.51
C ASP A 128 6.93 -6.93 3.28
N LEU A 129 7.63 -7.51 2.33
CA LEU A 129 9.00 -7.08 2.04
C LEU A 129 9.05 -6.17 0.82
N PRO A 130 9.90 -5.15 0.83
CA PRO A 130 10.21 -4.43 -0.42
C PRO A 130 11.01 -5.32 -1.35
N GLY A 131 11.16 -4.88 -2.59
CA GLY A 131 11.88 -5.70 -3.55
C GLY A 131 11.99 -5.08 -4.92
N TYR A 132 12.19 -5.96 -5.90
CA TYR A 132 12.46 -5.56 -7.27
C TYR A 132 11.80 -6.54 -8.23
N ILE A 133 11.41 -6.04 -9.39
CA ILE A 133 10.87 -6.85 -10.48
C ILE A 133 11.86 -6.73 -11.64
N ILE A 134 12.65 -7.78 -11.86
CA ILE A 134 13.63 -7.80 -12.94
C ILE A 134 12.96 -8.41 -14.16
N LEU A 135 12.80 -7.62 -15.22
CA LEU A 135 11.99 -8.00 -16.37
C LEU A 135 12.81 -7.90 -17.65
N LEU A 136 12.77 -8.96 -18.45
CA LEU A 136 13.48 -9.02 -19.72
C LEU A 136 12.50 -9.48 -20.79
N THR A 137 12.37 -8.72 -21.88
CA THR A 137 11.50 -9.10 -22.98
C THR A 137 12.10 -8.57 -24.28
N ASP A 138 11.76 -9.23 -25.38
CA ASP A 138 12.30 -8.85 -26.69
C ASP A 138 11.23 -8.48 -27.69
N GLY A 139 9.96 -8.47 -27.31
CA GLY A 139 8.90 -8.18 -28.24
C GLY A 139 7.72 -7.57 -27.51
N GLN A 140 6.65 -7.32 -28.26
CA GLN A 140 5.44 -6.74 -27.69
C GLN A 140 4.63 -7.81 -26.96
N PRO A 141 3.83 -7.41 -25.98
CA PRO A 141 2.83 -8.33 -25.42
C PRO A 141 1.78 -8.70 -26.46
N THR A 142 1.36 -9.96 -26.42
CA THR A 142 0.32 -10.46 -27.33
C THR A 142 -1.03 -10.59 -26.66
N ASP A 143 -1.09 -10.48 -25.33
CA ASP A 143 -2.36 -10.52 -24.61
C ASP A 143 -2.92 -9.12 -24.43
N VAL A 144 -2.09 -8.17 -24.02
CA VAL A 144 -2.51 -6.78 -23.84
C VAL A 144 -1.43 -5.89 -24.43
N PRO A 145 -1.52 -5.50 -25.70
CA PRO A 145 -0.55 -4.55 -26.26
C PRO A 145 -0.86 -3.08 -25.97
N GLU A 146 -2.05 -2.77 -25.45
CA GLU A 146 -2.40 -1.40 -25.13
C GLU A 146 -1.59 -0.88 -23.94
N THR A 147 -0.91 0.26 -24.13
CA THR A 147 -0.09 0.83 -23.07
C THR A 147 -0.93 1.36 -21.91
N ASP A 148 -2.15 1.80 -22.21
CA ASP A 148 -2.99 2.38 -21.16
C ASP A 148 -3.32 1.34 -20.10
N ALA A 149 -3.41 0.07 -20.50
CA ALA A 149 -3.70 -1.00 -19.54
C ALA A 149 -2.57 -1.14 -18.53
N TYR A 150 -1.32 -1.00 -18.99
CA TYR A 150 -0.20 -1.05 -18.08
C TYR A 150 -0.09 0.21 -17.25
N GLU A 151 -0.70 1.31 -17.70
CA GLU A 151 -0.82 2.47 -16.83
C GLU A 151 -1.65 2.15 -15.58
N LYS A 152 -2.75 1.42 -15.74
CA LYS A 152 -3.77 1.32 -14.69
C LYS A 152 -3.47 0.26 -13.63
N LEU A 153 -2.44 -0.57 -13.81
CA LEU A 153 -2.15 -1.60 -12.82
C LEU A 153 -1.82 -0.99 -11.46
N ASN A 154 -2.16 -1.73 -10.41
CA ASN A 154 -1.86 -1.33 -9.02
C ASN A 154 -0.56 -2.03 -8.64
N TYR A 155 0.56 -1.37 -8.91
CA TYR A 155 1.86 -1.98 -8.62
C TYR A 155 2.11 -2.01 -7.11
N PRO A 156 2.86 -2.99 -6.63
CA PRO A 156 3.14 -3.03 -5.18
C PRO A 156 4.09 -1.92 -4.80
N GLU A 157 3.81 -1.28 -3.67
CA GLU A 157 4.65 -0.17 -3.24
C GLU A 157 6.02 -0.69 -2.84
N ALA A 158 7.03 0.15 -3.00
CA ALA A 158 8.40 -0.20 -2.65
C ALA A 158 8.93 -1.34 -3.50
N TYR A 159 8.37 -1.54 -4.69
CA TYR A 159 8.90 -2.52 -5.65
C TYR A 159 9.30 -1.75 -6.90
N LYS A 160 10.61 -1.72 -7.16
CA LYS A 160 11.15 -1.01 -8.31
C LYS A 160 11.24 -1.98 -9.47
N VAL A 161 10.77 -1.56 -10.65
CA VAL A 161 10.82 -2.40 -11.83
C VAL A 161 12.09 -2.07 -12.60
N ILE A 162 12.93 -3.08 -12.81
CA ILE A 162 14.13 -2.98 -13.64
C ILE A 162 13.83 -3.78 -14.89
N ALA A 163 13.60 -3.08 -16.01
CA ALA A 163 13.20 -3.70 -17.26
C ALA A 163 14.39 -3.70 -18.21
N PHE A 164 14.66 -4.85 -18.81
CA PHE A 164 15.69 -4.98 -19.84
C PHE A 164 14.96 -5.22 -21.17
N GLY A 165 14.86 -4.18 -21.99
CA GLY A 165 14.27 -4.34 -23.30
C GLY A 165 15.27 -4.79 -24.33
N ILE A 166 15.06 -5.97 -24.91
CA ILE A 166 16.03 -6.60 -25.78
C ILE A 166 15.68 -6.34 -27.23
N GLY A 167 16.65 -5.82 -27.99
CA GLY A 167 16.51 -5.77 -29.43
C GLY A 167 15.68 -4.60 -29.94
N ASP A 168 15.04 -4.82 -31.09
CA ASP A 168 14.42 -3.75 -31.86
C ASP A 168 12.91 -3.93 -32.00
N ASP A 169 12.32 -4.89 -31.29
CA ASP A 169 10.92 -5.23 -31.50
C ASP A 169 10.02 -4.97 -30.31
N TYR A 170 10.57 -4.76 -29.11
CA TYR A 170 9.72 -4.49 -27.96
C TYR A 170 9.16 -3.07 -28.05
N ASN A 171 8.27 -2.75 -27.11
CA ASN A 171 7.61 -1.44 -27.05
C ASN A 171 8.27 -0.63 -25.93
N GLU A 172 9.11 0.33 -26.31
CA GLU A 172 9.81 1.12 -25.30
C GLU A 172 8.86 2.00 -24.50
N ARG A 173 7.78 2.47 -25.12
CA ARG A 173 6.82 3.32 -24.42
C ARG A 173 6.12 2.56 -23.31
N LEU A 174 5.74 1.32 -23.57
CA LEU A 174 5.09 0.50 -22.54
C LEU A 174 6.02 0.27 -21.36
N LEU A 175 7.25 -0.18 -21.63
CA LEU A 175 8.20 -0.40 -20.55
C LEU A 175 8.50 0.89 -19.81
N LYS A 176 8.52 2.02 -20.51
CA LYS A 176 8.72 3.29 -19.83
C LYS A 176 7.58 3.57 -18.87
N VAL A 177 6.35 3.27 -19.28
CA VAL A 177 5.22 3.44 -18.36
C VAL A 177 5.42 2.58 -17.12
N ILE A 178 5.82 1.32 -17.31
CA ILE A 178 6.04 0.42 -16.18
C ILE A 178 7.03 1.03 -15.19
N THR A 179 8.23 1.35 -15.70
CA THR A 179 9.29 1.87 -14.84
C THR A 179 8.89 3.20 -14.21
N ASP A 180 8.20 4.05 -14.95
CA ASP A 180 7.77 5.34 -14.41
C ASP A 180 6.80 5.16 -13.25
N LYS A 181 5.91 4.18 -13.36
CA LYS A 181 4.96 3.95 -12.28
C LYS A 181 5.60 3.26 -11.09
N THR A 182 6.77 2.63 -11.28
CA THR A 182 7.42 1.94 -10.16
C THR A 182 8.76 2.56 -9.76
N ALA A 183 9.02 3.81 -10.13
CA ALA A 183 10.30 4.45 -9.84
C ALA A 183 11.45 3.62 -10.39
N GLY A 184 11.22 2.97 -11.54
CA GLY A 184 12.12 1.96 -12.04
C GLY A 184 13.07 2.45 -13.12
N ILE A 185 13.78 1.50 -13.71
CA ILE A 185 14.85 1.75 -14.66
C ILE A 185 14.58 0.93 -15.90
N LEU A 186 14.72 1.54 -17.07
CA LEU A 186 14.61 0.85 -18.35
C LEU A 186 15.98 0.81 -18.99
N TYR A 187 16.46 -0.40 -19.30
CA TYR A 187 17.75 -0.63 -19.92
C TYR A 187 17.52 -1.12 -21.34
N HIS A 188 17.96 -0.33 -22.33
CA HIS A 188 17.93 -0.79 -23.71
C HIS A 188 19.11 -1.71 -23.96
N VAL A 189 18.86 -2.92 -24.43
CA VAL A 189 19.88 -3.90 -24.75
C VAL A 189 19.81 -4.14 -26.25
N GLU A 190 20.81 -3.66 -26.98
CA GLU A 190 20.83 -3.86 -28.43
C GLU A 190 21.50 -5.17 -28.83
N ASP A 191 22.52 -5.59 -28.10
CA ASP A 191 23.18 -6.87 -28.32
C ASP A 191 22.92 -7.80 -27.13
N ALA A 192 22.72 -9.08 -27.43
CA ALA A 192 22.60 -10.06 -26.35
C ALA A 192 23.82 -10.04 -25.45
N LYS A 193 25.00 -9.79 -26.03
CA LYS A 193 26.20 -9.66 -25.22
C LYS A 193 25.95 -8.75 -24.04
N GLU A 194 25.28 -7.62 -24.27
CA GLU A 194 25.06 -6.70 -23.17
C GLU A 194 24.28 -7.35 -22.04
N ILE A 195 23.37 -8.26 -22.35
CA ILE A 195 22.58 -8.92 -21.30
C ILE A 195 23.50 -9.57 -20.28
N ALA A 196 24.59 -10.19 -20.73
CA ALA A 196 25.44 -10.98 -19.84
C ALA A 196 26.20 -10.14 -18.82
N GLU A 197 26.47 -8.88 -19.11
CA GLU A 197 27.12 -7.99 -18.19
C GLU A 197 26.13 -7.10 -17.52
N MET A 198 24.97 -6.86 -18.14
CA MET A 198 24.08 -5.92 -17.50
C MET A 198 23.11 -6.48 -16.54
N LEU A 199 22.59 -7.69 -16.77
CA LEU A 199 21.56 -8.23 -15.89
C LEU A 199 22.07 -8.44 -14.46
N PRO A 200 23.28 -8.97 -14.23
CA PRO A 200 23.76 -9.12 -12.86
C PRO A 200 23.91 -7.82 -12.11
N GLN A 201 24.00 -6.69 -12.82
CA GLN A 201 24.13 -5.41 -12.14
C GLN A 201 22.84 -4.95 -11.48
N SER A 202 21.70 -5.55 -11.83
CA SER A 202 20.45 -5.24 -11.16
C SER A 202 20.38 -5.79 -9.74
N ALA A 203 21.40 -6.53 -9.31
CA ALA A 203 21.49 -6.95 -7.92
C ALA A 203 21.95 -5.79 -7.06
N VAL A 204 21.28 -5.58 -5.93
CA VAL A 204 21.60 -4.51 -4.99
C VAL A 204 22.37 -5.13 -3.83
N THR A 205 23.65 -4.79 -3.73
CA THR A 205 24.52 -5.37 -2.70
C THR A 205 24.53 -4.57 -1.41
N GLU A 206 24.71 -3.25 -1.49
CA GLU A 206 24.83 -2.41 -0.31
C GLU A 206 23.95 -1.18 -0.46
N ILE A 207 23.28 -0.81 0.64
CA ILE A 207 22.32 0.27 0.63
C ILE A 207 22.56 1.19 1.83
N GLY A 208 22.07 2.42 1.71
CA GLY A 208 22.16 3.39 2.77
C GLY A 208 20.90 3.47 3.61
N ALA A 209 19.78 3.05 3.03
CA ALA A 209 18.51 3.05 3.77
C ALA A 209 17.56 2.06 3.14
N LYS A 210 16.60 1.60 3.95
CA LYS A 210 15.61 0.62 3.57
C LYS A 210 14.24 1.16 3.95
N ASN A 211 13.24 0.88 3.13
CA ASN A 211 11.87 1.33 3.36
C ASN A 211 11.82 2.83 3.61
N VAL A 212 12.26 3.57 2.60
CA VAL A 212 12.26 5.03 2.64
C VAL A 212 10.89 5.57 2.26
N SER A 213 10.42 6.56 3.03
CA SER A 213 9.13 7.21 2.81
C SER A 213 9.36 8.71 2.82
N ILE A 214 9.03 9.38 1.73
CA ILE A 214 9.18 10.83 1.58
C ILE A 214 7.78 11.43 1.51
N ASP A 215 7.36 12.13 2.55
CA ASP A 215 6.06 12.79 2.57
C ASP A 215 6.26 14.29 2.40
N ILE A 216 5.34 14.92 1.67
CA ILE A 216 5.41 16.35 1.38
C ILE A 216 4.11 16.97 1.84
N VAL A 217 4.16 17.72 2.94
CA VAL A 217 3.00 18.41 3.48
C VAL A 217 3.09 19.85 2.98
N SER A 218 2.23 20.20 2.03
CA SER A 218 2.27 21.50 1.40
C SER A 218 0.93 22.18 1.53
N GLU A 219 0.96 23.50 1.65
CA GLU A 219 -0.23 24.33 1.65
C GLU A 219 -0.69 24.66 0.23
N THR A 220 -0.19 23.91 -0.76
CA THR A 220 -0.49 24.16 -2.16
C THR A 220 -0.15 22.91 -2.95
N GLN A 221 -0.53 22.90 -4.22
CA GLN A 221 -0.37 21.72 -5.06
C GLN A 221 1.11 21.40 -5.26
N VAL A 222 1.45 20.13 -5.09
CA VAL A 222 2.81 19.63 -5.26
C VAL A 222 2.81 18.59 -6.36
N LYS A 223 3.87 18.55 -7.16
CA LYS A 223 3.89 17.71 -8.36
C LYS A 223 5.31 17.21 -8.56
N LEU A 224 5.53 15.91 -8.46
CA LEU A 224 6.88 15.38 -8.64
C LEU A 224 7.16 15.15 -10.11
N LEU A 225 8.43 15.26 -10.48
CA LEU A 225 8.84 15.12 -11.88
C LEU A 225 9.20 13.69 -12.23
N ASN A 226 10.06 13.06 -11.41
CA ASN A 226 10.68 11.80 -11.78
C ASN A 226 10.39 10.67 -10.80
N TYR A 227 9.48 10.87 -9.84
CA TYR A 227 9.11 9.82 -8.91
C TYR A 227 7.61 9.87 -8.66
N PRO A 228 6.96 8.71 -8.55
CA PRO A 228 5.53 8.72 -8.18
C PRO A 228 5.35 9.24 -6.76
N GLY A 229 4.29 10.04 -6.58
CA GLY A 229 3.96 10.63 -5.30
C GLY A 229 3.68 12.11 -5.41
N PRO A 230 3.73 12.83 -4.27
CA PRO A 230 4.05 12.35 -2.92
C PRO A 230 2.90 11.55 -2.31
N PRO A 231 3.17 10.65 -1.35
CA PRO A 231 4.47 10.32 -0.78
C PRO A 231 5.27 9.41 -1.70
N VAL A 232 6.59 9.45 -1.63
CA VAL A 232 7.48 8.62 -2.44
C VAL A 232 7.87 7.44 -1.57
N LYS A 233 7.64 6.23 -2.07
CA LYS A 233 7.89 5.00 -1.33
C LYS A 233 8.98 4.24 -2.07
N LEU A 234 10.20 4.34 -1.56
CA LEU A 234 11.37 3.70 -2.18
C LEU A 234 11.83 2.53 -1.31
N GLY A 235 11.93 1.34 -1.91
CA GLY A 235 12.35 0.16 -1.16
C GLY A 235 13.74 0.29 -0.55
N ALA A 236 14.64 0.98 -1.23
CA ALA A 236 15.98 1.15 -0.72
C ALA A 236 16.66 2.32 -1.41
N VAL A 237 17.75 2.77 -0.83
CA VAL A 237 18.57 3.83 -1.40
C VAL A 237 19.97 3.25 -1.55
N GLU A 238 20.37 2.95 -2.78
CA GLU A 238 21.70 2.42 -3.06
C GLU A 238 22.68 3.50 -3.49
N SER A 239 22.25 4.46 -4.30
CA SER A 239 23.09 5.56 -4.75
C SER A 239 22.33 6.85 -4.54
N VAL A 240 22.97 7.97 -4.88
CA VAL A 240 22.37 9.28 -4.65
C VAL A 240 21.05 9.37 -5.40
N VAL A 241 20.01 9.82 -4.71
CA VAL A 241 18.69 10.01 -5.28
C VAL A 241 18.46 11.51 -5.42
N ARG A 242 17.99 11.91 -6.60
CA ARG A 242 17.63 13.30 -6.87
C ARG A 242 16.13 13.31 -7.18
N VAL A 243 15.35 13.93 -6.30
CA VAL A 243 13.90 14.01 -6.45
C VAL A 243 13.58 15.45 -6.85
N TYR A 244 12.99 15.61 -8.03
CA TYR A 244 12.64 16.92 -8.56
C TYR A 244 11.15 17.13 -8.47
N GLY A 245 10.74 18.36 -8.17
CA GLY A 245 9.31 18.64 -8.12
C GLY A 245 9.01 20.11 -8.27
N GLU A 246 7.72 20.39 -8.47
CA GLU A 246 7.19 21.73 -8.59
C GLU A 246 6.08 21.95 -7.56
N ILE A 247 5.98 23.19 -7.11
CA ILE A 247 5.04 23.61 -6.08
C ILE A 247 4.60 25.02 -6.44
N ILE A 248 3.31 25.28 -6.39
CA ILE A 248 2.78 26.59 -6.75
C ILE A 248 2.91 27.52 -5.55
N ILE A 249 3.77 28.51 -5.67
CA ILE A 249 3.91 29.56 -4.64
C ILE A 249 2.90 30.63 -4.93
N PRO A 250 1.83 30.76 -4.14
CA PRO A 250 0.77 31.75 -4.46
C PRO A 250 1.32 33.16 -4.40
N PRO A 251 0.61 34.12 -4.99
CA PRO A 251 1.15 35.49 -5.06
C PRO A 251 1.26 36.13 -3.68
N ASN A 252 2.38 36.81 -3.44
CA ASN A 252 2.63 37.54 -2.21
C ASN A 252 2.57 36.62 -0.99
N PHE A 253 2.90 35.34 -1.18
CA PHE A 253 2.90 34.38 -0.09
C PHE A 253 4.05 34.66 0.86
N THR A 254 3.82 34.36 2.14
CA THR A 254 4.83 34.45 3.17
C THR A 254 4.51 33.43 4.25
N GLY A 255 5.51 32.71 4.71
CA GLY A 255 5.41 31.73 5.76
C GLY A 255 5.93 30.37 5.33
N ARG A 256 5.53 29.34 6.09
CA ARG A 256 5.89 27.95 5.83
C ARG A 256 5.14 27.44 4.61
N LEU A 257 5.83 27.35 3.47
CA LEU A 257 5.20 26.89 2.25
C LEU A 257 5.01 25.38 2.26
N ALA A 258 6.02 24.63 2.68
CA ALA A 258 5.92 23.19 2.67
C ALA A 258 6.93 22.60 3.64
N THR A 259 6.62 21.39 4.12
CA THR A 259 7.49 20.63 5.00
C THR A 259 7.64 19.24 4.42
N VAL A 260 8.88 18.78 4.27
CA VAL A 260 9.17 17.46 3.73
C VAL A 260 9.68 16.59 4.87
N LYS A 261 8.98 15.50 5.12
CA LYS A 261 9.31 14.56 6.19
C LYS A 261 9.82 13.28 5.54
N ILE A 262 11.09 12.96 5.78
CA ILE A 262 11.69 11.74 5.25
C ILE A 262 11.88 10.78 6.41
N SER A 263 11.40 9.55 6.25
CA SER A 263 11.55 8.48 7.22
C SER A 263 12.22 7.31 6.54
N TYR A 264 13.00 6.55 7.29
CA TYR A 264 13.66 5.38 6.72
C TYR A 264 14.15 4.48 7.84
N GLU A 265 14.56 3.28 7.45
CA GLU A 265 15.10 2.29 8.36
C GLU A 265 16.60 2.17 8.14
N ASP A 266 17.35 2.22 9.23
CA ASP A 266 18.77 1.96 9.17
C ASP A 266 18.98 0.49 8.85
N PRO A 267 19.56 0.13 7.71
CA PRO A 267 19.67 -1.30 7.37
C PRO A 267 20.53 -2.08 8.35
N LEU A 268 21.41 -1.42 9.09
CA LEU A 268 22.27 -2.12 10.05
C LEU A 268 21.68 -2.12 11.45
N SER A 269 21.42 -0.93 11.99
CA SER A 269 20.89 -0.82 13.36
C SER A 269 19.40 -1.12 13.43
N SER A 270 18.70 -1.20 12.30
CA SER A 270 17.26 -1.48 12.29
C SER A 270 16.50 -0.42 13.09
N ARG A 271 16.91 0.84 12.95
CA ARG A 271 16.32 1.94 13.69
C ARG A 271 15.61 2.86 12.72
N ILE A 272 14.49 3.43 13.17
CA ILE A 272 13.73 4.37 12.36
C ILE A 272 14.31 5.76 12.58
N ASN A 273 14.82 6.35 11.49
CA ASN A 273 15.30 7.71 11.48
C ASN A 273 14.30 8.59 10.72
N ARG A 274 14.06 9.79 11.24
CA ARG A 274 13.10 10.72 10.63
C ARG A 274 13.78 12.06 10.45
N LEU A 275 13.61 12.63 9.25
CA LEU A 275 14.24 13.88 8.85
C LEU A 275 13.15 14.83 8.38
N GLU A 276 13.36 16.12 8.63
CA GLU A 276 12.34 17.13 8.41
C GLU A 276 13.00 18.40 7.90
N VAL A 277 12.53 18.90 6.77
CA VAL A 277 13.03 20.13 6.16
C VAL A 277 11.86 21.05 5.85
N ASN A 278 12.06 22.34 6.07
CA ASN A 278 11.02 23.35 5.92
C ASN A 278 11.40 24.33 4.81
N PHE A 279 10.44 24.64 3.96
CA PHE A 279 10.60 25.68 2.94
C PHE A 279 9.90 26.93 3.44
N ASP A 280 10.65 27.84 4.07
CA ASP A 280 10.10 29.09 4.58
C ASP A 280 10.35 30.19 3.56
N ILE A 281 9.28 30.82 3.09
CA ILE A 281 9.35 31.85 2.06
C ILE A 281 8.89 33.17 2.67
N THR A 282 9.40 34.26 2.13
CA THR A 282 8.95 35.60 2.49
C THR A 282 8.44 36.32 1.25
N ARG A 283 7.90 37.52 1.48
CA ARG A 283 7.37 38.37 0.41
C ARG A 283 8.42 39.41 0.07
N ALA A 284 8.67 39.60 -1.22
CA ALA A 284 9.64 40.58 -1.68
C ALA A 284 8.95 41.91 -1.93
N ASN A 285 9.58 42.99 -1.48
CA ASN A 285 9.09 44.34 -1.64
C ASN A 285 9.80 45.10 -2.75
N ASP A 286 10.45 44.37 -3.67
CA ASP A 286 11.18 44.95 -4.79
C ASP A 286 11.50 43.82 -5.77
N VAL A 287 11.54 44.15 -7.06
CA VAL A 287 11.72 43.10 -8.08
C VAL A 287 13.15 42.58 -8.09
N LYS A 288 14.14 43.48 -7.96
CA LYS A 288 15.53 43.03 -7.94
C LYS A 288 15.74 42.13 -6.72
N ARG A 289 15.11 42.50 -5.61
CA ARG A 289 15.16 41.75 -4.37
C ARG A 289 14.48 40.39 -4.51
N PHE A 290 13.45 40.29 -5.35
CA PHE A 290 12.80 39.02 -5.60
C PHE A 290 13.64 38.13 -6.53
N LEU A 291 14.19 38.70 -7.62
CA LEU A 291 14.93 37.91 -8.59
C LEU A 291 16.28 37.45 -8.04
N ASP A 292 16.90 38.23 -7.15
CA ASP A 292 18.14 37.79 -6.53
C ASP A 292 17.92 36.59 -5.62
N GLY A 293 16.68 36.34 -5.23
CA GLY A 293 16.32 35.19 -4.43
C GLY A 293 16.02 33.94 -5.23
N ILE A 294 16.31 33.93 -6.52
CA ILE A 294 16.04 32.79 -7.37
C ILE A 294 17.33 32.02 -7.60
N ASN A 295 17.32 30.73 -7.29
CA ASN A 295 18.44 29.84 -7.59
C ASN A 295 18.31 29.41 -9.05
N ASN A 296 18.92 30.20 -9.95
CA ASN A 296 18.73 29.96 -11.38
C ASN A 296 19.34 28.64 -11.82
N ASP A 297 20.39 28.17 -11.15
CA ASP A 297 21.00 26.90 -11.53
C ASP A 297 20.01 25.77 -11.30
N LEU A 298 19.27 25.80 -10.18
CA LEU A 298 18.27 24.78 -9.95
C LEU A 298 17.15 24.90 -10.98
N VAL A 299 16.74 26.12 -11.31
CA VAL A 299 15.69 26.26 -12.31
C VAL A 299 16.15 25.62 -13.62
N ASN A 300 17.40 25.86 -14.00
CA ASN A 300 17.92 25.31 -15.26
C ASN A 300 18.03 23.79 -15.19
N GLU A 301 18.42 23.23 -14.03
CA GLU A 301 18.53 21.78 -13.90
C GLU A 301 17.15 21.12 -14.00
N TYR A 302 16.18 21.69 -13.30
CA TYR A 302 14.81 21.17 -13.36
C TYR A 302 14.28 21.24 -14.79
N ARG A 303 14.48 22.38 -15.45
CA ARG A 303 14.03 22.53 -16.83
C ARG A 303 14.73 21.52 -17.73
N TYR A 304 16.01 21.27 -17.49
CA TYR A 304 16.76 20.33 -18.30
C TYR A 304 16.12 18.95 -18.24
N TYR A 305 15.84 18.47 -17.03
CA TYR A 305 15.25 17.14 -16.90
C TYR A 305 13.80 17.11 -17.39
N GLU A 306 13.05 18.19 -17.19
CA GLU A 306 11.73 18.33 -17.79
C GLU A 306 11.80 18.12 -19.30
N LEU A 307 12.74 18.82 -19.95
CA LEU A 307 12.88 18.73 -21.39
C LEU A 307 13.29 17.32 -21.80
N MET A 308 14.13 16.66 -21.00
CA MET A 308 14.54 15.29 -21.33
C MET A 308 13.35 14.33 -21.31
N SER A 309 12.49 14.46 -20.29
CA SER A 309 11.27 13.66 -20.25
C SER A 309 10.42 13.93 -21.49
N LYS A 310 10.23 15.20 -21.81
CA LYS A 310 9.51 15.52 -23.04
C LYS A 310 10.17 14.90 -24.26
N LEU A 311 11.50 14.82 -24.27
CA LEU A 311 12.22 14.28 -25.41
C LEU A 311 11.90 12.81 -25.60
N ALA A 312 11.91 12.05 -24.50
CA ALA A 312 11.52 10.65 -24.58
C ALA A 312 10.10 10.53 -25.14
N ASN A 313 9.18 11.35 -24.61
CA ASN A 313 7.80 11.27 -25.10
C ASN A 313 7.69 11.61 -26.59
N GLN A 314 8.43 12.63 -27.03
CA GLN A 314 8.32 13.08 -28.42
C GLN A 314 8.90 12.05 -29.38
N LEU A 315 10.04 11.46 -29.04
CA LEU A 315 10.57 10.39 -29.88
C LEU A 315 9.63 9.20 -29.91
N ASN A 316 8.99 8.89 -28.77
CA ASN A 316 7.99 7.82 -28.79
C ASN A 316 6.82 8.16 -29.70
N SER A 317 6.55 9.43 -29.93
CA SER A 317 5.43 9.88 -30.75
C SER A 317 5.83 10.22 -32.18
N ASN A 318 7.09 10.02 -32.56
CA ASN A 318 7.56 10.31 -33.91
C ASN A 318 7.53 11.79 -34.23
N ASN A 319 7.46 12.66 -33.21
CA ASN A 319 7.58 14.10 -33.42
C ASN A 319 9.05 14.51 -33.40
N LEU A 320 9.76 14.12 -34.47
CA LEU A 320 11.18 14.42 -34.55
C LEU A 320 11.46 15.92 -34.62
N SER A 321 10.52 16.71 -35.16
CA SER A 321 10.73 18.16 -35.23
C SER A 321 10.79 18.76 -33.83
N GLU A 322 9.78 18.47 -33.02
CA GLU A 322 9.79 18.95 -31.65
C GLU A 322 10.95 18.33 -30.87
N ALA A 323 11.28 17.07 -31.18
CA ALA A 323 12.43 16.46 -30.53
C ALA A 323 13.69 17.28 -30.78
N THR A 324 13.87 17.76 -32.02
CA THR A 324 15.04 18.60 -32.33
C THR A 324 15.00 19.89 -31.53
N ARG A 325 13.86 20.58 -31.54
CA ARG A 325 13.79 21.83 -30.78
C ARG A 325 14.09 21.61 -29.30
N THR A 326 13.58 20.50 -28.74
CA THR A 326 13.78 20.19 -27.33
C THR A 326 15.24 19.94 -27.01
N VAL A 327 15.90 19.07 -27.79
CA VAL A 327 17.31 18.78 -27.53
C VAL A 327 18.14 20.06 -27.67
N GLU A 328 17.77 20.93 -28.62
CA GLU A 328 18.47 22.20 -28.76
C GLU A 328 18.37 23.02 -27.48
N GLN A 329 17.16 23.12 -26.92
CA GLN A 329 17.02 23.83 -25.66
C GLN A 329 17.88 23.19 -24.56
N MET A 330 17.92 21.86 -24.53
CA MET A 330 18.76 21.20 -23.54
C MET A 330 20.22 21.58 -23.74
N GLN A 331 20.66 21.70 -24.99
CA GLN A 331 22.02 22.16 -25.25
C GLN A 331 22.24 23.53 -24.66
N MET A 332 21.30 24.45 -24.92
CA MET A 332 21.46 25.81 -24.41
C MET A 332 21.57 25.80 -22.89
N ILE A 333 20.78 24.95 -22.24
CA ILE A 333 20.83 24.90 -20.77
C ILE A 333 22.18 24.38 -20.30
N ALA A 334 22.65 23.29 -20.93
CA ALA A 334 23.92 22.71 -20.53
C ALA A 334 25.04 23.73 -20.67
N GLN A 335 25.05 24.48 -21.77
CA GLN A 335 26.13 25.44 -22.00
C GLN A 335 25.97 26.67 -21.12
N GLN A 336 24.74 26.98 -20.69
CA GLN A 336 24.50 28.08 -19.78
C GLN A 336 24.91 27.75 -18.35
N THR A 337 24.94 26.46 -18.01
CA THR A 337 25.43 26.02 -16.70
C THR A 337 26.93 25.69 -16.73
N ARG A 338 27.55 25.72 -17.91
CA ARG A 338 28.99 25.49 -18.05
C ARG A 338 29.43 24.16 -17.44
N ARG A 339 28.57 23.15 -17.48
CA ARG A 339 28.88 21.83 -16.93
C ARG A 339 29.27 20.90 -18.06
N MET A 340 30.54 20.47 -18.07
CA MET A 340 31.03 19.60 -19.14
C MET A 340 30.17 18.35 -19.29
N GLU A 341 29.74 17.75 -18.18
CA GLU A 341 29.00 16.49 -18.25
C GLU A 341 27.69 16.67 -19.01
N LEU A 342 26.95 17.72 -18.68
CA LEU A 342 25.69 17.97 -19.35
C LEU A 342 25.93 18.32 -20.82
N ILE A 343 27.01 19.06 -21.10
CA ILE A 343 27.27 19.50 -22.46
C ILE A 343 27.55 18.31 -23.35
N GLU A 344 28.35 17.38 -22.89
CA GLU A 344 28.58 16.20 -23.72
C GLU A 344 27.34 15.32 -23.80
N THR A 345 26.64 15.11 -22.68
CA THR A 345 25.45 14.27 -22.78
C THR A 345 24.53 14.80 -23.86
N THR A 346 24.32 16.12 -23.88
CA THR A 346 23.42 16.74 -24.85
C THR A 346 23.98 16.67 -26.25
N ARG A 347 25.32 16.79 -26.40
CA ARG A 347 25.89 16.65 -27.73
C ARG A 347 25.61 15.26 -28.28
N ARG A 348 25.89 14.23 -27.47
CA ARG A 348 25.65 12.84 -27.87
C ARG A 348 24.22 12.63 -28.32
N ILE A 349 23.28 13.29 -27.65
CA ILE A 349 21.88 13.08 -28.04
C ILE A 349 21.52 13.85 -29.32
N SER A 350 22.04 15.08 -29.49
CA SER A 350 21.69 15.90 -30.67
C SER A 350 22.25 15.31 -31.97
N GLU A 351 23.61 15.18 -32.02
CA GLU A 351 24.26 13.90 -32.40
C GLU A 351 23.28 12.92 -33.09
N SER A 352 22.69 11.97 -32.32
CA SER A 352 21.73 10.94 -32.79
C SER A 352 20.46 11.50 -33.45
N ILE A 353 19.91 12.58 -32.90
CA ILE A 353 18.64 13.06 -33.44
C ILE A 353 18.82 13.57 -34.86
N GLU A 354 19.90 14.32 -35.10
CA GLU A 354 20.21 14.84 -36.42
C GLU A 354 20.48 13.72 -37.39
N THR A 355 21.23 12.69 -36.95
CA THR A 355 21.45 11.56 -37.84
C THR A 355 20.15 10.83 -38.19
N THR A 356 19.24 10.70 -37.23
CA THR A 356 17.97 10.07 -37.55
C THR A 356 17.18 10.92 -38.53
N ARG A 357 17.26 12.22 -38.37
CA ARG A 357 16.62 13.07 -39.36
C ARG A 357 17.26 12.87 -40.74
N ARG A 358 18.59 12.70 -40.79
CA ARG A 358 19.27 12.24 -42.00
C ARG A 358 18.60 10.97 -42.56
N ILE A 359 18.63 9.86 -41.81
CA ILE A 359 18.11 8.57 -42.30
C ILE A 359 16.63 8.71 -42.60
N GLY A 360 15.90 9.37 -41.71
CA GLY A 360 14.51 9.69 -41.97
C GLY A 360 13.69 8.46 -42.22
N THR A 361 13.97 7.38 -41.49
CA THR A 361 13.23 6.14 -41.60
C THR A 361 12.67 5.81 -40.22
N VAL A 362 11.58 5.04 -40.21
CA VAL A 362 11.04 4.58 -38.94
C VAL A 362 12.05 3.68 -38.25
N GLU A 363 12.81 2.90 -39.01
CA GLU A 363 13.83 2.04 -38.44
C GLU A 363 14.73 2.81 -37.47
N GLN A 364 15.23 3.98 -37.88
CA GLN A 364 16.17 4.72 -37.05
C GLN A 364 15.47 5.54 -35.96
N THR A 365 14.35 6.18 -36.31
CA THR A 365 13.60 6.94 -35.31
C THR A 365 13.22 6.03 -34.15
N ARG A 366 12.80 4.82 -34.48
CA ARG A 366 12.34 3.84 -33.51
C ARG A 366 13.49 3.36 -32.66
N LYS A 367 14.68 3.24 -33.28
CA LYS A 367 15.90 2.91 -32.55
C LYS A 367 16.27 3.97 -31.53
N ILE A 368 16.49 5.21 -31.98
CA ILE A 368 16.94 6.19 -31.01
C ILE A 368 15.83 6.42 -29.98
N SER A 369 14.57 6.17 -30.35
CA SER A 369 13.49 6.24 -29.36
C SER A 369 13.78 5.28 -28.21
N LYS A 370 14.12 4.04 -28.54
CA LYS A 370 14.48 3.09 -27.49
C LYS A 370 15.67 3.58 -26.68
N GLU A 371 16.74 3.99 -27.37
CA GLU A 371 17.98 4.38 -26.67
C GLU A 371 17.73 5.53 -25.72
N ILE A 372 17.07 6.59 -26.20
CA ILE A 372 16.87 7.79 -25.42
C ILE A 372 15.81 7.58 -24.35
N THR A 373 14.79 6.77 -24.62
CA THR A 373 13.81 6.46 -23.58
C THR A 373 14.48 5.77 -22.40
N SER A 374 15.40 4.84 -22.68
CA SER A 374 16.15 4.22 -21.59
C SER A 374 17.02 5.25 -20.88
N GLU A 375 17.72 6.10 -21.65
CA GLU A 375 18.61 7.07 -21.05
C GLU A 375 17.87 8.03 -20.14
N VAL A 376 16.64 8.39 -20.48
CA VAL A 376 15.86 9.29 -19.63
C VAL A 376 15.69 8.68 -18.24
N THR A 377 15.25 7.42 -18.19
CA THR A 377 15.02 6.78 -16.89
C THR A 377 16.33 6.66 -16.13
N LYS A 378 17.43 6.35 -16.83
CA LYS A 378 18.70 6.19 -16.14
C LYS A 378 19.21 7.51 -15.58
N LYS A 379 19.12 8.59 -16.36
CA LYS A 379 19.54 9.90 -15.87
C LYS A 379 18.67 10.38 -14.72
N LEU A 380 17.38 10.04 -14.74
CA LEU A 380 16.44 10.54 -13.75
C LEU A 380 16.35 9.70 -12.50
N ARG A 381 16.88 8.46 -12.50
CA ARG A 381 16.68 7.61 -11.33
C ARG A 381 17.88 6.72 -11.05
N SER A 382 19.09 7.23 -11.24
CA SER A 382 20.25 6.46 -10.80
C SER A 382 21.50 7.32 -10.88
N HIS A 383 22.61 6.72 -10.42
CA HIS A 383 23.91 7.36 -10.27
C HIS A 383 23.86 8.88 -10.16
N MET B 1 10.31 -6.85 26.18
CA MET B 1 10.23 -5.76 25.22
C MET B 1 8.87 -5.06 25.31
N THR B 4 8.62 -4.11 24.41
CA THR B 4 7.34 -3.42 24.40
C THR B 4 6.18 -4.36 24.08
N ILE B 5 6.48 -5.49 23.48
CA ILE B 5 5.45 -6.44 23.04
C ILE B 5 5.86 -7.85 23.42
N SER B 6 4.88 -8.67 23.79
CA SER B 6 5.07 -10.10 23.93
C SER B 6 4.14 -10.82 22.96
N VAL B 7 4.56 -11.97 22.47
CA VAL B 7 3.81 -12.73 21.47
C VAL B 7 3.66 -14.16 21.93
N LYS B 8 2.42 -14.64 21.97
CA LYS B 8 2.12 -16.05 22.19
C LYS B 8 1.44 -16.60 20.94
N ALA B 9 1.99 -17.65 20.36
CA ALA B 9 1.42 -18.27 19.17
C ALA B 9 1.17 -19.74 19.46
N GLU B 10 -0.05 -20.20 19.19
CA GLU B 10 -0.39 -21.60 19.40
C GLU B 10 -1.12 -22.16 18.19
N LEU B 11 -0.74 -23.39 17.82
CA LEU B 11 -1.37 -24.14 16.75
C LEU B 11 -2.22 -25.26 17.33
N SER B 12 -3.27 -25.62 16.61
CA SER B 12 -4.22 -26.60 17.13
C SER B 12 -3.65 -28.00 17.17
N HIS B 13 -2.74 -28.34 16.25
CA HIS B 13 -2.28 -29.71 16.10
C HIS B 13 -0.79 -29.82 16.33
N LYS B 14 -0.39 -30.81 17.12
CA LYS B 14 1.01 -31.18 17.27
C LYS B 14 1.44 -32.22 16.25
N TYR B 15 0.53 -33.09 15.83
CA TYR B 15 0.83 -34.15 14.88
C TYR B 15 -0.15 -34.13 13.71
N SER B 16 0.32 -34.61 12.57
CA SER B 16 -0.52 -34.83 11.40
C SER B 16 -0.94 -36.29 11.36
N PHE B 17 -1.83 -36.62 10.43
CA PHE B 17 -2.29 -38.00 10.28
C PHE B 17 -2.68 -38.21 8.83
N THR B 18 -3.52 -39.21 8.57
CA THR B 18 -3.73 -39.69 7.22
C THR B 18 -4.61 -38.77 6.39
N SER B 19 -5.19 -37.74 6.99
CA SER B 19 -6.10 -36.86 6.26
C SER B 19 -5.51 -35.45 6.14
N PRO B 20 -5.86 -34.73 5.07
CA PRO B 20 -5.66 -33.27 5.09
C PRO B 20 -6.45 -32.66 6.25
N LEU B 21 -5.77 -31.88 7.07
CA LEU B 21 -6.33 -31.36 8.30
C LEU B 21 -6.47 -29.83 8.22
N LYS B 22 -7.50 -29.31 8.86
CA LYS B 22 -7.64 -27.86 9.04
C LYS B 22 -7.08 -27.50 10.41
N GLY B 23 -5.79 -27.17 10.45
CA GLY B 23 -5.24 -26.62 11.66
C GLY B 23 -5.66 -25.17 11.83
N VAL B 24 -5.85 -24.77 13.07
CA VAL B 24 -6.17 -23.38 13.37
C VAL B 24 -5.13 -22.88 14.36
N PHE B 25 -4.83 -21.58 14.28
CA PHE B 25 -3.82 -21.00 15.12
C PHE B 25 -4.34 -19.68 15.68
N ARG B 26 -3.67 -19.26 16.77
CA ARG B 26 -4.00 -18.03 17.47
C ARG B 26 -2.71 -17.32 17.83
N LEU B 27 -2.65 -16.04 17.47
CA LEU B 27 -1.56 -15.14 17.84
C LEU B 27 -2.12 -14.14 18.84
N ILE B 28 -1.54 -14.11 20.03
CA ILE B 28 -1.87 -13.12 21.05
C ILE B 28 -0.70 -12.16 21.12
N ILE B 29 -0.96 -10.90 20.81
CA ILE B 29 0.05 -9.85 20.85
C ILE B 29 -0.31 -8.91 22.01
N VAL B 30 0.57 -8.82 23.00
CA VAL B 30 0.28 -8.13 24.24
C VAL B 30 1.21 -6.92 24.40
N PRO B 31 0.66 -5.71 24.57
CA PRO B 31 1.48 -4.57 25.00
C PRO B 31 1.68 -4.67 26.50
N GLU B 32 2.89 -4.36 26.96
CA GLU B 32 3.21 -4.62 28.36
C GLU B 32 3.60 -3.36 29.15
N LYS B 33 5.16 -2.48 27.07
CA LYS B 33 5.30 -1.16 27.66
C LYS B 33 4.71 -0.12 26.72
N VAL B 34 3.72 0.65 27.21
CA VAL B 34 2.99 1.60 26.39
C VAL B 34 3.59 3.00 26.54
N SER B 35 3.68 3.72 25.41
CA SER B 35 4.09 5.12 25.36
C SER B 35 2.96 5.94 24.74
N THR B 36 3.09 7.26 24.76
CA THR B 36 2.06 8.10 24.18
C THR B 36 1.96 7.85 22.67
N ALA B 37 0.73 7.86 22.16
CA ALA B 37 0.48 7.57 20.76
C ALA B 37 0.61 8.85 19.94
N ARG B 38 1.54 8.84 18.98
CA ARG B 38 1.80 10.01 18.15
C ARG B 38 2.04 9.56 16.71
N GLY B 39 1.92 10.52 15.79
CA GLY B 39 2.15 10.24 14.38
C GLY B 39 1.03 9.50 13.71
N PHE B 40 -0.20 9.73 14.12
CA PHE B 40 -1.37 9.07 13.55
C PHE B 40 -2.30 10.11 12.93
N HIS B 41 -3.04 9.67 11.91
CA HIS B 41 -3.92 10.53 11.14
C HIS B 41 -5.36 10.09 11.36
N TYR B 42 -6.10 10.87 12.16
CA TYR B 42 -7.52 10.64 12.38
C TYR B 42 -8.31 11.31 11.27
N ILE B 43 -9.23 10.57 10.66
CA ILE B 43 -10.10 11.08 9.60
C ILE B 43 -11.53 10.85 10.06
N ILE B 44 -12.25 11.93 10.33
CA ILE B 44 -13.61 11.86 10.85
C ILE B 44 -14.60 12.08 9.72
N LEU B 45 -15.56 11.17 9.58
CA LEU B 45 -16.62 11.28 8.59
C LEU B 45 -17.94 11.38 9.37
N LEU B 46 -18.52 12.57 9.40
CA LEU B 46 -19.74 12.82 10.17
C LEU B 46 -20.92 12.92 9.22
N ASP B 47 -21.92 12.08 9.43
CA ASP B 47 -23.17 12.17 8.70
C ASP B 47 -23.96 13.37 9.17
N THR B 48 -24.36 14.23 8.23
CA THR B 48 -25.17 15.41 8.54
C THR B 48 -26.50 15.40 7.77
N SER B 49 -26.99 14.21 7.41
CA SER B 49 -28.20 14.13 6.61
C SER B 49 -29.39 14.66 7.41
N GLY B 50 -30.51 14.85 6.70
CA GLY B 50 -31.71 15.34 7.36
C GLY B 50 -32.11 14.51 8.56
N SER B 51 -32.04 13.19 8.44
CA SER B 51 -32.41 12.32 9.54
C SER B 51 -31.58 12.55 10.79
N MET B 52 -30.41 13.18 10.66
CA MET B 52 -29.54 13.42 11.81
C MET B 52 -30.03 14.55 12.70
N TYR B 53 -30.93 15.40 12.18
CA TYR B 53 -31.47 16.51 12.95
C TYR B 53 -31.98 16.00 14.30
N GLY B 54 -31.65 16.73 15.37
CA GLY B 54 -32.13 16.43 16.71
C GLY B 54 -31.00 16.05 17.65
N VAL B 55 -31.26 15.08 18.53
CA VAL B 55 -30.27 14.72 19.54
C VAL B 55 -29.04 14.12 18.87
N LYS B 56 -29.23 13.41 17.77
CA LYS B 56 -28.12 12.68 17.16
C LYS B 56 -27.02 13.63 16.70
N ILE B 57 -27.37 14.70 15.98
CA ILE B 57 -26.32 15.54 15.45
C ILE B 57 -25.70 16.43 16.53
N GLU B 58 -26.50 16.97 17.44
CA GLU B 58 -25.92 17.80 18.49
C GLU B 58 -24.98 16.98 19.37
N THR B 59 -25.36 15.74 19.67
CA THR B 59 -24.50 14.86 20.45
C THR B 59 -23.26 14.51 19.65
N ALA B 60 -23.39 14.32 18.33
CA ALA B 60 -22.23 14.02 17.51
C ALA B 60 -21.25 15.19 17.51
N LYS B 61 -21.76 16.41 17.42
CA LYS B 61 -20.88 17.59 17.45
C LYS B 61 -20.11 17.66 18.78
N GLN B 62 -20.83 17.52 19.90
CA GLN B 62 -20.15 17.61 21.19
C GLN B 62 -19.13 16.48 21.36
N GLY B 63 -19.52 15.25 21.03
CA GLY B 63 -18.60 14.13 21.14
C GLY B 63 -17.39 14.27 20.25
N ALA B 64 -17.58 14.81 19.04
CA ALA B 64 -16.45 15.02 18.16
C ALA B 64 -15.46 16.00 18.78
N MET B 65 -15.97 17.10 19.36
CA MET B 65 -15.05 18.05 19.98
C MET B 65 -14.29 17.42 21.14
N GLU B 66 -14.97 16.63 21.97
CA GLU B 66 -14.26 16.08 23.12
C GLU B 66 -13.24 15.05 22.65
N LEU B 67 -13.58 14.32 21.58
CA LEU B 67 -12.61 13.40 20.98
C LEU B 67 -11.38 14.15 20.55
N LEU B 68 -11.56 15.25 19.81
CA LEU B 68 -10.42 16.03 19.38
C LEU B 68 -9.56 16.44 20.56
N SER B 69 -10.20 16.84 21.67
CA SER B 69 -9.43 17.24 22.85
C SER B 69 -8.59 16.09 23.39
N ARG B 70 -9.14 14.87 23.39
CA ARG B 70 -8.44 13.74 24.00
C ARG B 70 -7.28 13.21 23.15
N ILE B 71 -7.26 13.45 21.85
CA ILE B 71 -6.16 12.95 20.99
C ILE B 71 -4.85 13.62 21.42
N PRO B 72 -3.74 12.89 21.54
CA PRO B 72 -2.46 13.54 21.86
C PRO B 72 -2.06 14.55 20.80
N GLU B 73 -1.07 15.39 21.13
CA GLU B 73 -0.79 16.57 20.34
C GLU B 73 0.00 16.28 19.07
N GLY B 74 0.74 15.17 19.04
CA GLY B 74 1.63 14.92 17.91
C GLY B 74 0.95 14.22 16.75
N ASN B 75 -0.36 14.38 16.62
CA ASN B 75 -1.15 13.67 15.62
C ASN B 75 -1.80 14.66 14.67
N LYS B 76 -2.20 14.15 13.50
CA LYS B 76 -2.87 14.94 12.48
C LYS B 76 -4.34 14.56 12.41
N ILE B 77 -5.18 15.55 12.11
CA ILE B 77 -6.63 15.38 12.16
C ILE B 77 -7.23 15.90 10.85
N SER B 78 -8.13 15.10 10.27
CA SER B 78 -8.96 15.50 9.14
C SER B 78 -10.42 15.31 9.53
N PHE B 79 -11.27 16.22 9.08
CA PHE B 79 -12.69 16.22 9.44
C PHE B 79 -13.52 16.40 8.18
N LEU B 80 -14.45 15.48 7.97
CA LEU B 80 -15.34 15.51 6.81
C LEU B 80 -16.77 15.45 7.30
N THR B 81 -17.64 16.20 6.63
CA THR B 81 -19.06 16.24 6.93
C THR B 81 -19.79 15.99 5.63
N PHE B 82 -20.57 14.92 5.55
CA PHE B 82 -21.20 14.51 4.30
C PHE B 82 -22.71 14.44 4.47
N SER B 83 -23.41 15.03 3.51
CA SER B 83 -24.87 15.09 3.43
C SER B 83 -25.26 14.73 2.00
N ASN B 84 -25.58 15.74 1.19
CA ASN B 84 -25.77 15.52 -0.23
C ASN B 84 -24.43 15.47 -0.96
N ASN B 85 -23.42 16.15 -0.41
CA ASN B 85 -22.06 16.13 -0.96
C ASN B 85 -21.07 16.18 0.19
N VAL B 86 -19.83 15.82 -0.12
CA VAL B 86 -18.76 15.80 0.87
C VAL B 86 -18.28 17.22 1.11
N ASN B 87 -18.04 17.55 2.38
CA ASN B 87 -17.58 18.87 2.79
C ASN B 87 -16.39 18.71 3.72
N ILE B 88 -15.26 19.25 3.33
CA ILE B 88 -14.03 19.13 4.11
C ILE B 88 -13.90 20.36 5.00
N LEU B 89 -13.96 20.15 6.31
CA LEU B 89 -13.73 21.25 7.25
C LEU B 89 -12.24 21.45 7.49
N SER B 90 -11.47 20.37 7.58
CA SER B 90 -10.02 20.45 7.71
C SER B 90 -9.42 19.14 7.19
N GLU B 91 -8.19 19.23 6.71
CA GLU B 91 -7.50 18.09 6.09
C GLU B 91 -6.07 18.03 6.60
N TYR B 92 -5.72 16.93 7.27
CA TYR B 92 -4.35 16.70 7.72
C TYR B 92 -3.82 17.92 8.46
N ALA B 93 -4.66 18.46 9.35
CA ALA B 93 -4.33 19.68 10.06
C ALA B 93 -4.27 19.39 11.55
N ASP B 94 -4.49 20.40 12.37
CA ASP B 94 -4.63 20.25 13.80
C ASP B 94 -6.02 20.70 14.22
N ALA B 95 -6.36 20.45 15.47
CA ALA B 95 -7.73 20.61 15.91
C ALA B 95 -8.20 22.05 16.08
N PRO B 96 -7.35 22.98 16.52
CA PRO B 96 -7.89 24.33 16.83
C PRO B 96 -8.68 24.94 15.68
N SER B 97 -8.28 24.69 14.44
CA SER B 97 -9.02 25.23 13.29
C SER B 97 -10.48 24.77 13.31
N LEU B 98 -10.72 23.54 13.73
CA LEU B 98 -12.00 22.88 13.48
C LEU B 98 -13.09 23.28 14.47
N VAL B 99 -12.73 23.63 15.70
CA VAL B 99 -13.73 23.78 16.75
C VAL B 99 -14.83 24.75 16.32
N GLN B 100 -14.46 25.87 15.72
CA GLN B 100 -15.44 26.87 15.31
C GLN B 100 -16.40 26.31 14.27
N GLN B 101 -15.86 25.57 13.29
CA GLN B 101 -16.71 25.07 12.21
C GLN B 101 -17.61 23.94 12.69
N ILE B 102 -17.14 23.14 13.65
CA ILE B 102 -17.98 22.07 14.17
C ILE B 102 -19.30 22.63 14.70
N LYS B 103 -19.27 23.80 15.33
CA LYS B 103 -20.47 24.39 15.89
C LYS B 103 -21.41 24.90 14.80
N GLN B 104 -20.91 25.13 13.59
CA GLN B 104 -21.75 25.61 12.50
C GLN B 104 -22.34 24.46 11.68
N ILE B 105 -22.10 23.21 12.10
CA ILE B 105 -22.65 22.07 11.38
C ILE B 105 -24.16 22.13 11.40
N ARG B 106 -24.78 21.96 10.23
CA ARG B 106 -26.23 21.92 10.10
C ARG B 106 -26.68 20.63 9.44
N SER B 107 -27.87 20.19 9.80
CA SER B 107 -28.46 18.99 9.23
C SER B 107 -29.17 19.31 7.92
N GLY B 108 -29.42 18.28 7.13
CA GLY B 108 -30.12 18.44 5.88
C GLY B 108 -29.43 17.74 4.73
N GLY B 109 -30.20 17.14 3.84
CA GLY B 109 -29.66 16.43 2.70
C GLY B 109 -29.70 14.94 2.91
N GLN B 110 -29.19 14.21 1.92
CA GLN B 110 -29.16 12.76 1.98
C GLN B 110 -27.89 12.30 2.68
N THR B 111 -27.60 10.99 2.57
CA THR B 111 -26.38 10.39 3.11
C THR B 111 -25.62 9.80 1.94
N VAL B 112 -24.38 10.26 1.70
CA VAL B 112 -23.58 9.78 0.59
C VAL B 112 -22.33 9.07 1.09
N LEU B 113 -22.50 7.91 1.71
CA LEU B 113 -21.36 7.27 2.35
C LEU B 113 -20.26 6.97 1.34
N TYR B 114 -20.61 6.64 0.09
CA TYR B 114 -19.60 6.16 -0.85
C TYR B 114 -18.61 7.26 -1.23
N ARG B 115 -19.11 8.43 -1.63
CA ARG B 115 -18.19 9.50 -2.06
C ARG B 115 -17.45 10.08 -0.85
N ALA B 116 -18.09 10.09 0.32
CA ALA B 116 -17.39 10.51 1.53
C ALA B 116 -16.22 9.57 1.84
N LEU B 117 -16.45 8.26 1.72
CA LEU B 117 -15.38 7.30 1.95
C LEU B 117 -14.29 7.41 0.90
N GLU B 118 -14.68 7.57 -0.37
CA GLU B 118 -13.69 7.79 -1.42
C GLU B 118 -12.79 8.97 -1.08
N ARG B 119 -13.39 10.07 -0.61
CA ARG B 119 -12.59 11.24 -0.26
C ARG B 119 -11.68 10.94 0.92
N ALA B 120 -12.20 10.23 1.93
CA ALA B 120 -11.36 9.88 3.07
C ALA B 120 -10.17 9.03 2.64
N ILE B 121 -10.40 8.11 1.71
CA ILE B 121 -9.33 7.24 1.23
C ILE B 121 -8.27 8.05 0.48
N GLU B 122 -8.72 8.98 -0.37
CA GLU B 122 -7.76 9.84 -1.07
C GLU B 122 -6.93 10.62 -0.06
N ILE B 123 -7.58 11.13 0.99
CA ILE B 123 -6.87 11.94 1.98
C ILE B 123 -5.84 11.08 2.71
N ALA B 124 -6.24 9.88 3.14
CA ALA B 124 -5.30 9.00 3.81
C ALA B 124 -4.11 8.68 2.92
N LYS B 125 -4.36 8.46 1.63
CA LYS B 125 -3.30 8.10 0.71
C LYS B 125 -2.45 9.30 0.29
N LYS B 126 -2.86 10.52 0.63
CA LYS B 126 -1.99 11.66 0.36
C LYS B 126 -0.76 11.69 1.26
N HIS B 127 -0.71 10.87 2.31
CA HIS B 127 0.40 10.89 3.24
C HIS B 127 0.68 9.49 3.77
N ASP B 128 1.86 9.34 4.38
CA ASP B 128 2.36 8.03 4.79
C ASP B 128 2.16 7.75 6.28
N LEU B 129 1.15 8.33 6.89
CA LEU B 129 0.95 8.04 8.31
C LEU B 129 -0.12 6.99 8.51
N PRO B 130 0.04 6.08 9.48
CA PRO B 130 -1.09 5.24 9.90
C PRO B 130 -2.14 6.10 10.58
N GLY B 131 -3.33 5.55 10.76
CA GLY B 131 -4.38 6.34 11.37
C GLY B 131 -5.69 5.60 11.51
N TYR B 132 -6.75 6.39 11.59
CA TYR B 132 -8.09 5.90 11.86
C TYR B 132 -9.10 6.69 11.06
N ILE B 133 -10.18 6.03 10.69
CA ILE B 133 -11.32 6.64 10.02
C ILE B 133 -12.50 6.49 10.97
N ILE B 134 -12.89 7.58 11.62
CA ILE B 134 -14.01 7.57 12.55
C ILE B 134 -15.27 7.98 11.78
N LEU B 135 -16.23 7.07 11.69
CA LEU B 135 -17.40 7.27 10.84
C LEU B 135 -18.65 7.15 11.69
N LEU B 136 -19.55 8.12 11.55
CA LEU B 136 -20.83 8.14 12.25
C LEU B 136 -21.91 8.36 11.21
N THR B 137 -22.88 7.44 11.17
CA THR B 137 -23.99 7.55 10.23
C THR B 137 -25.23 6.93 10.85
N ASP B 138 -26.40 7.39 10.38
CA ASP B 138 -27.69 6.94 10.92
C ASP B 138 -28.61 6.33 9.88
N GLY B 139 -28.14 6.19 8.67
CA GLY B 139 -28.94 5.61 7.65
C GLY B 139 -28.10 5.01 6.55
N GLN B 140 -28.94 4.74 5.46
CA GLN B 140 -28.73 4.30 4.09
C GLN B 140 -27.70 5.21 3.41
N PRO B 141 -26.64 4.69 2.77
CA PRO B 141 -26.00 5.52 1.74
C PRO B 141 -27.00 5.69 0.59
N THR B 142 -27.06 6.88 0.01
CA THR B 142 -28.03 7.14 -1.05
C THR B 142 -27.43 7.13 -2.45
N ASP B 143 -26.12 7.14 -2.57
CA ASP B 143 -25.45 7.06 -3.87
C ASP B 143 -25.13 5.63 -4.25
N VAL B 144 -24.58 4.85 -3.32
CA VAL B 144 -24.24 3.46 -3.58
C VAL B 144 -24.69 2.63 -2.38
N PRO B 145 -25.90 2.08 -2.39
CA PRO B 145 -26.33 1.21 -1.29
C PRO B 145 -25.88 -0.25 -1.43
N GLU B 146 -25.32 -0.65 -2.57
CA GLU B 146 -24.83 -2.01 -2.73
C GLU B 146 -23.59 -2.22 -1.87
N THR B 147 -23.64 -3.23 -0.99
CA THR B 147 -22.50 -3.49 -0.10
C THR B 147 -21.31 -4.05 -0.85
N ASP B 148 -21.55 -4.76 -1.96
CA ASP B 148 -20.44 -5.36 -2.69
C ASP B 148 -19.52 -4.28 -3.23
N ALA B 149 -20.06 -3.09 -3.52
CA ALA B 149 -19.23 -2.00 -3.97
C ALA B 149 -18.25 -1.57 -2.89
N TYR B 150 -18.69 -1.57 -1.64
CA TYR B 150 -17.79 -1.26 -0.53
C TYR B 150 -16.84 -2.40 -0.24
N GLU B 151 -17.18 -3.63 -0.66
CA GLU B 151 -16.19 -4.70 -0.63
C GLU B 151 -15.00 -4.36 -1.51
N LYS B 152 -15.27 -3.79 -2.69
CA LYS B 152 -14.25 -3.66 -3.73
C LYS B 152 -13.36 -2.42 -3.57
N LEU B 153 -13.69 -1.51 -2.67
CA LEU B 153 -12.87 -0.32 -2.49
C LEU B 153 -11.46 -0.70 -2.04
N ASN B 154 -10.48 0.11 -2.45
CA ASN B 154 -9.07 -0.09 -2.08
C ASN B 154 -8.75 0.80 -0.89
N TYR B 155 -8.93 0.26 0.31
CA TYR B 155 -8.72 1.03 1.52
C TYR B 155 -7.23 1.25 1.80
N PRO B 156 -6.88 2.35 2.47
CA PRO B 156 -5.46 2.58 2.80
C PRO B 156 -5.00 1.65 3.90
N GLU B 157 -3.80 1.10 3.75
CA GLU B 157 -3.31 0.14 4.72
C GLU B 157 -2.98 0.85 6.03
N ALA B 158 -3.09 0.10 7.13
CA ALA B 158 -2.82 0.61 8.47
C ALA B 158 -3.80 1.72 8.88
N TYR B 159 -5.00 1.71 8.32
CA TYR B 159 -6.06 2.64 8.71
C TYR B 159 -7.24 1.82 9.24
N LYS B 160 -7.52 1.95 10.52
CA LYS B 160 -8.60 1.23 11.17
C LYS B 160 -9.87 2.07 11.12
N VAL B 161 -10.97 1.47 10.71
CA VAL B 161 -12.25 2.16 10.65
C VAL B 161 -13.01 1.89 11.95
N ILE B 162 -13.38 2.95 12.65
CA ILE B 162 -14.23 2.86 13.82
C ILE B 162 -15.57 3.44 13.40
N ALA B 163 -16.56 2.58 13.22
CA ALA B 163 -17.87 2.97 12.71
C ALA B 163 -18.84 3.00 13.87
N PHE B 164 -19.58 4.10 13.99
CA PHE B 164 -20.65 4.24 14.97
C PHE B 164 -21.96 4.22 14.18
N GLY B 165 -22.68 3.11 14.22
CA GLY B 165 -23.98 3.04 13.57
C GLY B 165 -25.08 3.54 14.48
N ILE B 166 -25.74 4.61 14.09
CA ILE B 166 -26.68 5.31 14.97
C ILE B 166 -28.10 4.87 14.67
N GLY B 167 -28.81 4.42 15.70
CA GLY B 167 -30.23 4.16 15.56
C GLY B 167 -30.48 2.82 14.91
N ASP B 168 -31.61 2.73 14.22
CA ASP B 168 -32.11 1.47 13.69
C ASP B 168 -32.23 1.47 12.17
N ASP B 169 -31.68 2.49 11.50
CA ASP B 169 -31.90 2.68 10.08
C ASP B 169 -30.65 2.51 9.21
N TYR B 170 -29.45 2.47 9.81
CA TYR B 170 -28.25 2.27 9.01
C TYR B 170 -28.20 0.81 8.54
N ASN B 171 -27.21 0.52 7.70
CA ASN B 171 -27.01 -0.82 7.16
C ASN B 171 -25.84 -1.45 7.91
N GLU B 172 -26.15 -2.33 8.86
CA GLU B 172 -25.09 -2.93 9.65
C GLU B 172 -24.21 -3.85 8.81
N ARG B 173 -24.78 -4.49 7.79
CA ARG B 173 -23.98 -5.38 6.94
C ARG B 173 -22.93 -4.59 6.18
N LEU B 174 -23.31 -3.43 5.65
CA LEU B 174 -22.37 -2.58 4.92
C LEU B 174 -21.24 -2.12 5.84
N LEU B 175 -21.60 -1.57 7.01
CA LEU B 175 -20.58 -1.14 7.95
C LEU B 175 -19.71 -2.31 8.39
N LYS B 176 -20.29 -3.51 8.49
CA LYS B 176 -19.48 -4.68 8.83
C LYS B 176 -18.47 -4.96 7.72
N VAL B 177 -18.88 -4.85 6.46
CA VAL B 177 -17.92 -5.03 5.37
C VAL B 177 -16.78 -4.03 5.51
N ILE B 178 -17.12 -2.77 5.78
CA ILE B 178 -16.11 -1.73 5.94
C ILE B 178 -15.11 -2.14 7.02
N THR B 179 -15.63 -2.41 8.22
CA THR B 179 -14.75 -2.71 9.35
C THR B 179 -13.93 -3.96 9.10
N ASP B 180 -14.54 -4.97 8.47
CA ASP B 180 -13.83 -6.21 8.20
C ASP B 180 -12.67 -5.96 7.25
N LYS B 181 -12.88 -5.10 6.25
CA LYS B 181 -11.82 -4.82 5.31
C LYS B 181 -10.74 -3.93 5.89
N THR B 182 -11.03 -3.21 6.98
CA THR B 182 -10.04 -2.32 7.57
C THR B 182 -9.62 -2.74 8.98
N ALA B 183 -9.87 -4.00 9.37
CA ALA B 183 -9.53 -4.46 10.71
C ALA B 183 -10.15 -3.57 11.78
N GLY B 184 -11.32 -3.02 11.49
CA GLY B 184 -11.94 -2.01 12.33
C GLY B 184 -13.01 -2.57 13.23
N ILE B 185 -13.71 -1.65 13.89
CA ILE B 185 -14.70 -1.98 14.91
C ILE B 185 -16.00 -1.27 14.57
N LEU B 186 -17.12 -1.98 14.74
CA LEU B 186 -18.44 -1.43 14.56
C LEU B 186 -19.13 -1.35 15.91
N TYR B 187 -19.59 -0.15 16.27
CA TYR B 187 -20.30 0.10 17.52
C TYR B 187 -21.75 0.40 17.18
N HIS B 188 -22.67 -0.44 17.65
CA HIS B 188 -24.08 -0.13 17.51
C HIS B 188 -24.48 0.86 18.61
N VAL B 189 -25.07 1.98 18.20
CA VAL B 189 -25.50 3.02 19.13
C VAL B 189 -27.02 3.08 19.08
N GLU B 190 -27.66 2.63 20.16
CA GLU B 190 -29.11 2.69 20.27
C GLU B 190 -29.59 4.01 20.84
N ASP B 191 -28.84 4.62 21.76
CA ASP B 191 -29.17 5.92 22.32
C ASP B 191 -28.16 6.95 21.85
N ALA B 192 -28.63 8.16 21.58
CA ALA B 192 -27.71 9.25 21.26
C ALA B 192 -26.77 9.53 22.42
N LYS B 193 -27.27 9.40 23.67
CA LYS B 193 -26.42 9.55 24.83
C LYS B 193 -25.13 8.75 24.70
N GLU B 194 -25.23 7.51 24.22
CA GLU B 194 -24.04 6.67 24.10
C GLU B 194 -23.00 7.32 23.19
N ILE B 195 -23.43 8.14 22.23
CA ILE B 195 -22.47 8.82 21.38
C ILE B 195 -21.48 9.64 22.19
N ALA B 196 -21.98 10.33 23.23
CA ALA B 196 -21.15 11.25 23.98
C ALA B 196 -20.09 10.57 24.84
N GLU B 197 -20.30 9.31 25.21
CA GLU B 197 -19.43 8.60 26.14
C GLU B 197 -18.63 7.51 25.43
N MET B 198 -19.03 7.08 24.23
CA MET B 198 -18.24 6.14 23.44
C MET B 198 -17.36 6.81 22.38
N LEU B 199 -17.80 7.93 21.80
CA LEU B 199 -17.06 8.50 20.66
C LEU B 199 -15.70 9.03 21.09
N PRO B 200 -15.59 9.75 22.22
CA PRO B 200 -14.28 10.27 22.63
C PRO B 200 -13.23 9.22 22.96
N GLN B 201 -13.63 8.01 23.35
CA GLN B 201 -12.73 6.88 23.58
C GLN B 201 -12.21 6.24 22.30
N SER B 202 -12.70 6.63 21.13
CA SER B 202 -12.07 6.13 19.91
C SER B 202 -10.68 6.72 19.70
N ALA B 203 -10.29 7.65 20.57
CA ALA B 203 -8.94 8.19 20.58
C ALA B 203 -7.97 7.20 21.21
N VAL B 204 -6.83 7.02 20.56
CA VAL B 204 -5.79 6.11 21.02
C VAL B 204 -4.74 6.95 21.75
N THR B 205 -4.63 6.76 23.05
CA THR B 205 -3.75 7.59 23.88
C THR B 205 -2.35 7.01 23.99
N GLU B 206 -2.24 5.73 24.30
CA GLU B 206 -0.96 5.06 24.50
C GLU B 206 -0.96 3.73 23.78
N ILE B 207 0.17 3.40 23.16
CA ILE B 207 0.30 2.20 22.34
C ILE B 207 1.55 1.44 22.77
N GLY B 208 1.54 0.14 22.49
CA GLY B 208 2.69 -0.70 22.78
C GLY B 208 3.58 -0.90 21.57
N ALA B 209 3.01 -0.68 20.38
CA ALA B 209 3.78 -0.77 19.15
C ALA B 209 3.09 0.01 18.06
N LYS B 210 3.86 0.38 17.05
CA LYS B 210 3.38 1.16 15.92
C LYS B 210 3.77 0.45 14.64
N ASN B 211 2.89 0.50 13.65
CA ASN B 211 3.13 -0.11 12.35
C ASN B 211 3.59 -1.56 12.48
N VAL B 212 2.71 -2.37 13.05
CA VAL B 212 2.96 -3.80 13.21
C VAL B 212 2.65 -4.51 11.90
N SER B 213 3.52 -5.44 11.53
CA SER B 213 3.38 -6.23 10.31
C SER B 213 3.53 -7.70 10.68
N ILE B 214 2.48 -8.48 10.42
CA ILE B 214 2.48 -9.92 10.67
C ILE B 214 2.44 -10.62 9.33
N ASP B 215 3.56 -11.22 8.94
CA ASP B 215 3.67 -11.96 7.69
C ASP B 215 3.66 -13.46 8.02
N ILE B 216 3.03 -14.25 7.17
CA ILE B 216 2.94 -15.68 7.38
C ILE B 216 3.45 -16.39 6.13
N VAL B 217 4.63 -17.00 6.23
CA VAL B 217 5.23 -17.76 5.15
C VAL B 217 4.94 -19.23 5.41
N SER B 218 4.04 -19.81 4.62
CA SER B 218 3.59 -21.18 4.84
C SER B 218 3.80 -22.01 3.58
N GLU B 219 4.08 -23.29 3.79
CA GLU B 219 4.13 -24.28 2.73
C GLU B 219 2.74 -24.76 2.34
N THR B 220 1.72 -23.98 2.71
CA THR B 220 0.32 -24.33 2.48
C THR B 220 -0.52 -23.06 2.57
N GLN B 221 -1.75 -23.16 2.08
CA GLN B 221 -2.67 -22.03 2.02
C GLN B 221 -3.05 -21.60 3.42
N VAL B 222 -2.98 -20.30 3.69
CA VAL B 222 -3.30 -19.73 4.99
C VAL B 222 -4.45 -18.75 4.81
N LYS B 223 -5.33 -18.69 5.81
CA LYS B 223 -6.54 -17.89 5.69
C LYS B 223 -6.89 -17.35 7.07
N LEU B 224 -6.88 -16.04 7.22
CA LEU B 224 -7.13 -15.42 8.53
C LEU B 224 -8.63 -15.26 8.75
N LEU B 225 -9.01 -15.27 10.02
CA LEU B 225 -10.42 -15.22 10.40
C LEU B 225 -10.91 -13.79 10.64
N ASN B 226 -10.17 -13.01 11.42
CA ASN B 226 -10.69 -11.73 11.90
C ASN B 226 -9.84 -10.55 11.47
N TYR B 227 -8.87 -10.74 10.59
CA TYR B 227 -8.06 -9.65 10.06
C TYR B 227 -7.82 -9.85 8.57
N PRO B 228 -7.79 -8.78 7.78
CA PRO B 228 -7.41 -8.93 6.38
C PRO B 228 -5.95 -9.34 6.27
N GLY B 229 -5.67 -10.25 5.34
CA GLY B 229 -4.33 -10.74 5.11
C GLY B 229 -4.28 -12.25 5.04
N PRO B 230 -3.09 -12.84 5.21
CA PRO B 230 -1.79 -12.20 5.47
C PRO B 230 -1.22 -11.55 4.20
N PRO B 231 -0.33 -10.55 4.34
CA PRO B 231 0.20 -10.01 5.61
C PRO B 231 -0.77 -9.05 6.28
N VAL B 232 -0.69 -8.93 7.60
CA VAL B 232 -1.55 -8.05 8.39
C VAL B 232 -0.76 -6.79 8.72
N LYS B 233 -1.33 -5.63 8.41
CA LYS B 233 -0.69 -4.34 8.62
C LYS B 233 -1.56 -3.57 9.61
N LEU B 234 -1.14 -3.54 10.87
CA LEU B 234 -1.88 -2.88 11.94
C LEU B 234 -1.17 -1.58 12.29
N GLY B 235 -1.90 -0.47 12.25
CA GLY B 235 -1.29 0.81 12.54
C GLY B 235 -0.66 0.89 13.91
N ALA B 236 -1.27 0.24 14.90
CA ALA B 236 -0.74 0.28 16.25
C ALA B 236 -1.36 -0.84 17.05
N VAL B 237 -0.76 -1.10 18.22
CA VAL B 237 -1.27 -2.07 19.18
C VAL B 237 -1.47 -1.34 20.50
N GLU B 238 -2.73 -1.08 20.84
CA GLU B 238 -3.07 -0.44 22.11
C GLU B 238 -3.47 -1.45 23.17
N SER B 239 -4.19 -2.50 22.79
CA SER B 239 -4.63 -3.55 23.70
C SER B 239 -4.27 -4.90 23.11
N VAL B 240 -4.59 -5.97 23.83
CA VAL B 240 -4.24 -7.30 23.38
C VAL B 240 -4.89 -7.56 22.03
N VAL B 241 -4.10 -8.05 21.08
CA VAL B 241 -4.58 -8.37 19.74
C VAL B 241 -4.69 -9.88 19.61
N ARG B 242 -5.80 -10.36 19.06
CA ARG B 242 -6.01 -11.78 18.81
C ARG B 242 -6.14 -11.99 17.31
N VAL B 243 -5.17 -12.67 16.71
CA VAL B 243 -5.20 -13.00 15.28
C VAL B 243 -5.50 -14.49 15.17
N TYR B 244 -6.64 -14.83 14.57
CA TYR B 244 -7.03 -16.21 14.38
C TYR B 244 -6.85 -16.60 12.92
N GLY B 245 -6.45 -17.84 12.68
CA GLY B 245 -6.33 -18.25 11.29
C GLY B 245 -6.38 -19.75 11.12
N GLU B 246 -6.52 -20.16 9.87
CA GLU B 246 -6.53 -21.56 9.49
C GLU B 246 -5.43 -21.83 8.48
N ILE B 247 -4.88 -23.04 8.56
CA ILE B 247 -3.79 -23.49 7.72
C ILE B 247 -4.00 -24.98 7.46
N ILE B 248 -3.87 -25.40 6.21
CA ILE B 248 -4.12 -26.78 5.85
C ILE B 248 -2.85 -27.59 6.14
N ILE B 249 -2.95 -28.52 7.08
CA ILE B 249 -1.87 -29.46 7.37
C ILE B 249 -2.05 -30.66 6.43
N PRO B 250 -1.24 -30.79 5.39
CA PRO B 250 -1.45 -31.89 4.42
C PRO B 250 -1.31 -33.24 5.09
N PRO B 251 -1.77 -34.31 4.46
CA PRO B 251 -1.75 -35.62 5.11
C PRO B 251 -0.32 -36.10 5.33
N ASN B 252 -0.07 -36.66 6.52
CA ASN B 252 1.22 -37.23 6.87
C ASN B 252 2.35 -36.21 6.75
N PHE B 253 2.04 -34.93 6.95
CA PHE B 253 3.07 -33.91 6.86
C PHE B 253 4.03 -34.04 8.05
N THR B 254 5.28 -33.65 7.82
CA THR B 254 6.26 -33.60 8.88
C THR B 254 7.22 -32.46 8.60
N GLY B 255 7.48 -31.63 9.62
CA GLY B 255 8.41 -30.55 9.50
C GLY B 255 7.85 -29.18 9.83
N ARG B 256 8.56 -28.15 9.35
CA ARG B 256 8.17 -26.75 9.49
C ARG B 256 6.99 -26.47 8.57
N LEU B 257 5.79 -26.38 9.15
CA LEU B 257 4.60 -26.13 8.35
C LEU B 257 4.49 -24.67 7.95
N ALA B 258 4.80 -23.76 8.88
CA ALA B 258 4.69 -22.34 8.59
C ALA B 258 5.57 -21.56 9.57
N THR B 259 5.96 -20.36 9.14
CA THR B 259 6.73 -19.44 9.96
C THR B 259 6.03 -18.09 9.92
N VAL B 260 5.74 -17.53 11.10
CA VAL B 260 5.07 -16.24 11.21
C VAL B 260 6.10 -15.23 11.72
N LYS B 261 6.30 -14.16 10.94
CA LYS B 261 7.28 -13.12 11.24
C LYS B 261 6.52 -11.87 11.65
N ILE B 262 6.74 -11.41 12.87
CA ILE B 262 6.13 -10.19 13.39
C ILE B 262 7.21 -9.10 13.45
N SER B 263 6.92 -7.95 12.85
CA SER B 263 7.79 -6.80 12.87
C SER B 263 7.00 -5.61 13.39
N TYR B 264 7.68 -4.67 14.04
CA TYR B 264 6.99 -3.50 14.55
C TYR B 264 8.02 -2.44 14.96
N GLU B 265 7.53 -1.24 15.23
CA GLU B 265 8.35 -0.14 15.69
C GLU B 265 8.06 0.12 17.16
N ASP B 266 9.11 0.14 17.97
CA ASP B 266 8.99 0.50 19.38
C ASP B 266 8.67 1.99 19.46
N PRO B 267 7.52 2.39 20.01
CA PRO B 267 7.15 3.82 19.94
C PRO B 267 8.10 4.73 20.68
N LEU B 268 8.86 4.22 21.65
CA LEU B 268 9.80 5.03 22.42
C LEU B 268 11.22 4.94 21.87
N SER B 269 11.76 3.73 21.73
CA SER B 269 13.13 3.55 21.28
C SER B 269 13.30 3.80 19.78
N SER B 270 12.22 3.91 19.02
CA SER B 270 12.30 4.17 17.58
C SER B 270 13.09 3.08 16.86
N ARG B 271 12.90 1.83 17.29
CA ARG B 271 13.61 0.71 16.72
C ARG B 271 12.64 -0.29 16.10
N ILE B 272 13.07 -0.93 15.03
CA ILE B 272 12.31 -2.00 14.40
C ILE B 272 12.68 -3.31 15.07
N ASN B 273 11.69 -3.97 15.67
CA ASN B 273 11.86 -5.27 16.31
C ASN B 273 11.28 -6.36 15.42
N ARG B 274 11.99 -7.48 15.33
CA ARG B 274 11.59 -8.58 14.46
C ARG B 274 11.53 -9.93 15.14
N LEU B 275 10.44 -10.63 14.84
CA LEU B 275 9.76 -11.63 15.67
C LEU B 275 9.51 -12.85 14.80
N GLU B 276 9.84 -14.03 15.32
CA GLU B 276 9.66 -15.22 14.49
C GLU B 276 9.15 -16.36 15.36
N VAL B 277 8.05 -16.98 14.92
CA VAL B 277 7.48 -18.14 15.60
C VAL B 277 7.34 -19.22 14.55
N ASN B 278 7.65 -20.45 14.93
CA ASN B 278 7.67 -21.57 14.01
C ASN B 278 6.61 -22.59 14.42
N PHE B 279 5.85 -23.06 13.44
CA PHE B 279 4.87 -24.12 13.65
C PHE B 279 5.51 -25.42 13.14
N ASP B 280 6.11 -26.17 14.05
CA ASP B 280 6.73 -27.46 13.71
C ASP B 280 5.77 -28.57 14.09
N ILE B 281 5.40 -29.40 13.11
CA ILE B 281 4.51 -30.52 13.36
C ILE B 281 5.24 -31.80 13.00
N THR B 282 4.86 -32.90 13.65
CA THR B 282 5.38 -34.22 13.34
C THR B 282 4.24 -35.11 12.86
N ARG B 283 4.58 -36.31 12.42
CA ARG B 283 3.59 -37.25 11.90
C ARG B 283 3.21 -38.28 12.96
N ALA B 284 1.91 -38.51 13.10
CA ALA B 284 1.37 -39.51 14.00
C ALA B 284 1.14 -40.81 13.26
N ASN B 285 1.56 -41.93 13.84
CA ASN B 285 1.38 -43.24 13.24
C ASN B 285 0.28 -44.05 13.93
N ASP B 286 -0.60 -43.38 14.67
CA ASP B 286 -1.71 -44.03 15.36
C ASP B 286 -2.62 -42.94 15.88
N VAL B 287 -3.91 -43.25 16.00
CA VAL B 287 -4.89 -42.22 16.30
C VAL B 287 -4.75 -41.68 17.72
N LYS B 288 -4.36 -42.52 18.68
CA LYS B 288 -4.32 -42.06 20.07
C LYS B 288 -3.34 -40.89 20.25
N ARG B 289 -2.14 -41.01 19.68
CA ARG B 289 -1.17 -39.92 19.79
C ARG B 289 -1.62 -38.70 19.00
N PHE B 290 -2.31 -38.93 17.87
CA PHE B 290 -2.75 -37.81 17.06
C PHE B 290 -3.81 -37.00 17.80
N LEU B 291 -4.76 -37.68 18.42
CA LEU B 291 -5.80 -36.97 19.16
C LEU B 291 -5.25 -36.37 20.44
N ASP B 292 -4.24 -37.00 21.04
CA ASP B 292 -3.59 -36.40 22.20
C ASP B 292 -2.80 -35.16 21.82
N GLY B 293 -2.44 -35.01 20.55
CA GLY B 293 -1.75 -33.83 20.10
C GLY B 293 -2.62 -32.67 19.67
N ILE B 294 -3.92 -32.72 19.93
CA ILE B 294 -4.85 -31.66 19.52
C ILE B 294 -5.19 -30.80 20.72
N ASN B 295 -5.00 -29.49 20.58
CA ASN B 295 -5.44 -28.51 21.57
C ASN B 295 -6.92 -28.24 21.33
N ASN B 296 -7.78 -29.00 22.02
CA ASN B 296 -9.21 -28.91 21.75
C ASN B 296 -9.78 -27.56 22.12
N ASP B 297 -9.19 -26.88 23.12
CA ASP B 297 -9.72 -25.57 23.52
C ASP B 297 -9.57 -24.57 22.38
N LEU B 298 -8.41 -24.57 21.72
CA LEU B 298 -8.20 -23.64 20.61
C LEU B 298 -9.12 -23.96 19.44
N VAL B 299 -9.33 -25.25 19.15
CA VAL B 299 -10.23 -25.64 18.07
C VAL B 299 -11.64 -25.14 18.36
N ASN B 300 -12.10 -25.32 19.60
CA ASN B 300 -13.44 -24.88 19.95
C ASN B 300 -13.55 -23.36 19.89
N GLU B 301 -12.51 -22.64 20.28
CA GLU B 301 -12.55 -21.19 20.22
C GLU B 301 -12.65 -20.69 18.78
N TYR B 302 -11.84 -21.27 17.89
CA TYR B 302 -11.91 -20.88 16.49
C TYR B 302 -13.28 -21.17 15.91
N ARG B 303 -13.82 -22.38 16.17
CA ARG B 303 -15.14 -22.71 15.67
C ARG B 303 -16.18 -21.75 16.22
N TYR B 304 -16.05 -21.37 17.50
CA TYR B 304 -17.01 -20.47 18.11
C TYR B 304 -17.06 -19.14 17.38
N TYR B 305 -15.90 -18.53 17.15
CA TYR B 305 -15.94 -17.22 16.49
C TYR B 305 -16.34 -17.35 15.03
N GLU B 306 -15.98 -18.46 14.37
CA GLU B 306 -16.51 -18.75 13.05
C GLU B 306 -18.03 -18.70 13.07
N LEU B 307 -18.64 -19.40 14.03
CA LEU B 307 -20.09 -19.46 14.12
C LEU B 307 -20.69 -18.10 14.44
N MET B 308 -20.02 -17.31 15.28
CA MET B 308 -20.54 -15.98 15.60
C MET B 308 -20.57 -15.09 14.35
N SER B 309 -19.51 -15.16 13.54
CA SER B 309 -19.52 -14.43 12.28
C SER B 309 -20.66 -14.91 11.38
N LYS B 310 -20.82 -16.23 11.27
CA LYS B 310 -21.92 -16.77 10.49
C LYS B 310 -23.26 -16.26 11.02
N LEU B 311 -23.36 -16.11 12.34
CA LEU B 311 -24.60 -15.64 12.96
C LEU B 311 -24.89 -14.20 12.54
N ALA B 312 -23.85 -13.36 12.56
CA ALA B 312 -24.02 -11.99 12.10
C ALA B 312 -24.49 -11.99 10.65
N ASN B 313 -23.87 -12.81 9.81
CA ASN B 313 -24.28 -12.85 8.41
C ASN B 313 -25.74 -13.27 8.26
N GLN B 314 -26.16 -14.26 9.05
CA GLN B 314 -27.52 -14.78 8.93
C GLN B 314 -28.56 -13.77 9.42
N LEU B 315 -28.29 -13.12 10.55
CA LEU B 315 -29.21 -12.10 11.04
C LEU B 315 -29.28 -10.90 10.09
N ASN B 316 -28.15 -10.56 9.46
CA ASN B 316 -28.17 -9.47 8.49
C ASN B 316 -29.07 -9.81 7.29
N SER B 317 -29.25 -11.10 7.01
CA SER B 317 -30.06 -11.55 5.88
C SER B 317 -31.48 -11.93 6.31
N ASN B 318 -31.80 -11.79 7.60
CA ASN B 318 -33.12 -12.04 8.16
C ASN B 318 -33.56 -13.51 8.10
N ASN B 319 -32.64 -14.45 7.87
CA ASN B 319 -32.98 -15.87 8.02
C ASN B 319 -32.76 -16.25 9.48
N LEU B 320 -33.69 -15.79 10.34
CA LEU B 320 -33.60 -16.07 11.77
C LEU B 320 -33.64 -17.58 12.04
N SER B 321 -34.21 -18.35 11.12
CA SER B 321 -34.27 -19.79 11.31
C SER B 321 -32.86 -20.37 11.40
N GLU B 322 -32.00 -20.03 10.45
CA GLU B 322 -30.61 -20.49 10.50
C GLU B 322 -29.87 -19.85 11.66
N ALA B 323 -30.20 -18.60 12.00
CA ALA B 323 -29.58 -17.95 13.15
C ALA B 323 -29.77 -18.77 14.42
N THR B 324 -30.98 -19.30 14.63
CA THR B 324 -31.24 -20.12 15.81
C THR B 324 -30.36 -21.37 15.82
N ARG B 325 -30.30 -22.08 14.69
CA ARG B 325 -29.46 -23.27 14.61
C ARG B 325 -28.01 -22.92 14.93
N THR B 326 -27.54 -21.78 14.41
CA THR B 326 -26.17 -21.37 14.64
C THR B 326 -25.94 -21.13 16.12
N VAL B 327 -26.84 -20.39 16.77
CA VAL B 327 -26.70 -20.15 18.20
C VAL B 327 -26.74 -21.46 18.98
N GLU B 328 -27.52 -22.44 18.52
CA GLU B 328 -27.55 -23.74 19.19
C GLU B 328 -26.17 -24.38 19.17
N GLN B 329 -25.55 -24.41 18.00
CA GLN B 329 -24.18 -24.93 17.92
C GLN B 329 -23.26 -24.13 18.82
N MET B 330 -23.40 -22.80 18.81
CA MET B 330 -22.56 -21.96 19.65
C MET B 330 -22.74 -22.30 21.13
N GLN B 331 -23.97 -22.57 21.55
CA GLN B 331 -24.22 -22.95 22.93
C GLN B 331 -23.40 -24.18 23.30
N MET B 332 -23.49 -25.21 22.46
CA MET B 332 -22.76 -26.44 22.77
C MET B 332 -21.26 -26.18 22.88
N ILE B 333 -20.73 -25.37 21.96
CA ILE B 333 -19.29 -25.12 21.95
C ILE B 333 -18.86 -24.34 23.19
N ALA B 334 -19.63 -23.30 23.52
CA ALA B 334 -19.30 -22.47 24.67
C ALA B 334 -19.25 -23.31 25.93
N GLN B 335 -20.23 -24.20 26.11
CA GLN B 335 -20.22 -24.98 27.35
C GLN B 335 -19.14 -26.04 27.33
N GLN B 336 -18.69 -26.50 26.15
CA GLN B 336 -17.56 -27.41 26.20
C GLN B 336 -16.22 -26.71 26.44
N THR B 337 -16.12 -25.40 26.20
CA THR B 337 -14.84 -24.73 26.43
C THR B 337 -14.64 -24.23 27.86
N ARG B 338 -15.67 -24.31 28.70
CA ARG B 338 -15.57 -23.89 30.11
C ARG B 338 -15.02 -22.47 30.25
N ARG B 339 -15.27 -21.63 29.26
CA ARG B 339 -14.82 -20.23 29.26
C ARG B 339 -16.01 -19.35 29.67
N MET B 340 -15.94 -18.77 30.87
CA MET B 340 -17.05 -17.99 31.40
C MET B 340 -17.45 -16.88 30.43
N GLU B 341 -16.48 -16.21 29.83
CA GLU B 341 -16.82 -15.09 28.96
C GLU B 341 -17.66 -15.57 27.79
N LEU B 342 -17.22 -16.65 27.14
CA LEU B 342 -17.94 -17.17 25.98
C LEU B 342 -19.29 -17.75 26.40
N ILE B 343 -19.34 -18.43 27.54
CA ILE B 343 -20.59 -19.03 27.98
C ILE B 343 -21.63 -17.94 28.25
N GLU B 344 -21.22 -16.87 28.92
CA GLU B 344 -22.18 -15.81 29.21
C GLU B 344 -22.56 -15.07 27.94
N THR B 345 -21.58 -14.75 27.09
CA THR B 345 -21.91 -14.09 25.84
C THR B 345 -22.94 -14.90 25.06
N THR B 346 -22.76 -16.22 25.03
CA THR B 346 -23.70 -17.07 24.31
C THR B 346 -25.06 -17.09 25.00
N ARG B 347 -25.09 -17.03 26.33
CA ARG B 347 -26.38 -16.96 27.02
C ARG B 347 -27.12 -15.67 26.67
N ARG B 348 -26.40 -14.54 26.69
CA ARG B 348 -26.99 -13.26 26.32
C ARG B 348 -27.55 -13.33 24.90
N ILE B 349 -26.82 -13.98 23.99
CA ILE B 349 -27.29 -14.06 22.62
C ILE B 349 -28.51 -14.97 22.53
N SER B 350 -28.50 -16.07 23.30
CA SER B 350 -29.64 -16.98 23.30
C SER B 350 -30.89 -16.26 23.79
N GLU B 351 -30.77 -15.46 24.85
CA GLU B 351 -31.92 -14.71 25.34
C GLU B 351 -32.40 -13.72 24.29
N SER B 352 -31.48 -13.00 23.67
CA SER B 352 -31.89 -12.07 22.62
C SER B 352 -32.65 -12.79 21.52
N ILE B 353 -32.16 -13.95 21.08
CA ILE B 353 -32.79 -14.65 19.96
C ILE B 353 -34.13 -15.24 20.40
N GLU B 354 -34.21 -15.79 21.61
CA GLU B 354 -35.49 -16.32 22.08
C GLU B 354 -36.54 -15.22 22.13
N THR B 355 -36.16 -14.05 22.63
CA THR B 355 -37.09 -12.93 22.65
C THR B 355 -37.45 -12.49 21.23
N THR B 356 -36.48 -12.50 20.32
CA THR B 356 -36.76 -12.12 18.93
C THR B 356 -37.72 -13.09 18.27
N ARG B 357 -37.55 -14.38 18.56
CA ARG B 357 -38.45 -15.39 18.02
C ARG B 357 -39.85 -15.24 18.58
N ARG B 358 -39.95 -15.00 19.89
CA ARG B 358 -41.22 -14.63 20.49
C ARG B 358 -41.88 -13.49 19.70
N ILE B 359 -41.18 -12.35 19.62
CA ILE B 359 -41.79 -11.16 19.02
C ILE B 359 -42.08 -11.40 17.54
N GLY B 360 -41.14 -11.99 16.82
CA GLY B 360 -41.38 -12.36 15.43
C GLY B 360 -41.61 -11.22 14.46
N THR B 361 -40.85 -10.13 14.59
CA THR B 361 -40.91 -9.03 13.63
C THR B 361 -39.52 -8.81 13.05
N VAL B 362 -39.49 -8.29 11.81
CA VAL B 362 -38.21 -7.96 11.20
C VAL B 362 -37.56 -6.79 11.94
N GLU B 363 -38.35 -5.86 12.47
CA GLU B 363 -37.80 -4.81 13.31
C GLU B 363 -36.90 -5.40 14.39
N GLN B 364 -37.38 -6.44 15.07
CA GLN B 364 -36.63 -7.01 16.18
C GLN B 364 -35.46 -7.83 15.67
N THR B 365 -35.66 -8.59 14.60
CA THR B 365 -34.56 -9.36 14.03
C THR B 365 -33.42 -8.43 13.65
N ARG B 366 -33.74 -7.29 13.04
CA ARG B 366 -32.72 -6.36 12.60
C ARG B 366 -32.11 -5.63 13.78
N LYS B 367 -32.89 -5.39 14.83
CA LYS B 367 -32.34 -4.82 16.06
C LYS B 367 -31.24 -5.71 16.61
N ILE B 368 -31.57 -6.98 16.88
CA ILE B 368 -30.55 -7.86 17.43
C ILE B 368 -29.45 -8.10 16.40
N SER B 369 -29.77 -8.00 15.11
CA SER B 369 -28.75 -8.10 14.08
C SER B 369 -27.69 -7.02 14.24
N LYS B 370 -28.13 -5.78 14.42
CA LYS B 370 -27.18 -4.70 14.66
C LYS B 370 -26.37 -4.96 15.91
N GLU B 371 -27.04 -5.33 17.00
CA GLU B 371 -26.34 -5.54 18.26
C GLU B 371 -25.26 -6.62 18.11
N ILE B 372 -25.62 -7.75 17.52
CA ILE B 372 -24.69 -8.87 17.44
C ILE B 372 -23.63 -8.64 16.39
N THR B 373 -23.97 -7.97 15.28
CA THR B 373 -22.96 -7.65 14.28
C THR B 373 -21.88 -6.76 14.88
N SER B 374 -22.29 -5.78 15.70
CA SER B 374 -21.28 -4.98 16.40
C SER B 374 -20.49 -5.85 17.37
N GLU B 375 -21.19 -6.73 18.10
CA GLU B 375 -20.53 -7.57 19.09
C GLU B 375 -19.47 -8.45 18.46
N VAL B 376 -19.70 -8.91 17.24
CA VAL B 376 -18.71 -9.75 16.57
C VAL B 376 -17.38 -9.00 16.44
N THR B 377 -17.44 -7.77 15.89
CA THR B 377 -16.22 -7.01 15.70
C THR B 377 -15.55 -6.70 17.03
N LYS B 378 -16.36 -6.40 18.05
CA LYS B 378 -15.77 -6.07 19.35
C LYS B 378 -15.08 -7.28 19.96
N LYS B 379 -15.70 -8.46 19.88
CA LYS B 379 -15.08 -9.67 20.42
C LYS B 379 -13.82 -10.03 19.65
N LEU B 380 -13.81 -9.81 18.33
CA LEU B 380 -12.69 -10.24 17.51
C LEU B 380 -11.57 -9.22 17.41
N ARG B 381 -11.78 -7.96 17.81
CA ARG B 381 -10.75 -6.95 17.61
C ARG B 381 -10.68 -5.94 18.74
N SER B 382 -10.94 -6.34 19.97
CA SER B 382 -10.69 -5.50 21.14
C SER B 382 -10.93 -6.29 22.42
N PRO C 17 3.95 38.75 -34.39
CA PRO C 17 4.67 38.20 -33.23
C PRO C 17 3.81 37.20 -32.47
N SER C 18 4.38 36.11 -31.95
CA SER C 18 3.55 35.11 -31.28
C SER C 18 4.19 34.56 -30.01
N THR C 19 4.96 35.36 -29.29
CA THR C 19 5.49 35.02 -27.98
C THR C 19 4.88 35.97 -26.97
N TRP C 20 5.06 35.69 -25.69
CA TRP C 20 4.57 36.58 -24.64
C TRP C 20 5.72 36.95 -23.72
N LYS C 21 5.68 38.17 -23.21
CA LYS C 21 6.72 38.70 -22.34
C LYS C 21 6.28 38.59 -20.89
N CYS C 22 7.22 38.25 -20.00
CA CYS C 22 6.95 38.30 -18.58
C CYS C 22 7.17 39.74 -18.08
N ASN C 23 6.33 40.17 -17.14
CA ASN C 23 6.43 41.53 -16.63
C ASN C 23 7.40 41.64 -15.48
N LEU C 24 7.42 40.65 -14.58
CA LEU C 24 8.29 40.74 -13.42
C LEU C 24 9.75 40.64 -13.84
N CYS C 25 10.07 39.63 -14.65
CA CYS C 25 11.37 39.51 -15.29
C CYS C 25 11.18 40.07 -16.71
N GLY C 26 12.17 39.89 -17.57
CA GLY C 26 12.09 40.43 -18.91
C GLY C 26 12.27 39.38 -20.00
N TYR C 27 11.95 38.14 -19.68
CA TYR C 27 12.11 37.05 -20.64
C TYR C 27 10.97 36.98 -21.65
N GLU C 28 11.31 36.62 -22.88
CA GLU C 28 10.34 36.40 -23.94
C GLU C 28 9.92 34.94 -23.87
N ASN C 29 8.69 34.71 -23.40
CA ASN C 29 8.21 33.38 -23.01
C ASN C 29 7.27 32.77 -24.03
N ASP C 30 7.62 31.59 -24.54
CA ASP C 30 6.85 31.02 -25.64
C ASP C 30 5.43 30.75 -25.17
N ASP C 31 4.48 30.81 -26.11
CA ASP C 31 3.11 30.53 -25.68
C ASP C 31 2.93 29.05 -25.36
N ASP C 32 3.99 28.26 -25.53
CA ASP C 32 3.97 26.86 -25.11
C ASP C 32 3.92 26.77 -23.59
N ALA C 33 4.64 27.65 -22.91
CA ALA C 33 4.78 27.59 -21.46
C ALA C 33 3.81 28.56 -20.81
N LEU C 34 3.14 28.07 -19.76
CA LEU C 34 2.19 28.87 -19.02
C LEU C 34 2.87 29.61 -17.89
N PHE C 35 4.02 29.14 -17.45
CA PHE C 35 4.81 29.76 -16.40
C PHE C 35 6.13 30.20 -17.01
N CYS C 36 6.67 31.30 -16.50
CA CYS C 36 7.92 31.81 -17.04
C CYS C 36 9.06 30.91 -16.58
N ILE C 37 9.98 30.62 -17.50
CA ILE C 37 11.06 29.70 -17.19
C ILE C 37 12.14 30.37 -16.36
N LYS C 38 12.37 31.67 -16.58
CA LYS C 38 13.43 32.37 -15.87
C LYS C 38 13.02 32.70 -14.43
N CYS C 39 11.75 33.05 -14.21
CA CYS C 39 11.30 33.62 -12.93
C CYS C 39 10.12 32.89 -12.31
N GLY C 40 9.31 32.17 -13.08
CA GLY C 40 8.20 31.42 -12.55
C GLY C 40 6.86 32.11 -12.54
N ALA C 41 6.79 33.36 -13.01
CA ALA C 41 5.53 34.09 -13.02
C ALA C 41 4.57 33.42 -13.99
N GLN C 42 3.27 33.51 -13.68
CA GLN C 42 2.27 32.92 -14.57
C GLN C 42 2.06 33.80 -15.80
N LYS C 43 1.48 33.20 -16.84
CA LYS C 43 1.21 33.89 -18.09
C LYS C 43 0.44 35.18 -17.85
N PRO D 17 -25.06 -39.09 4.05
CA PRO D 17 -25.52 -38.11 3.04
C PRO D 17 -26.14 -36.89 3.71
N SER D 18 -25.88 -35.70 3.17
CA SER D 18 -26.34 -34.45 3.79
C SER D 18 -26.12 -34.50 5.30
N THR D 19 -25.05 -35.17 5.75
CA THR D 19 -24.64 -35.34 7.15
C THR D 19 -23.67 -36.53 7.12
N TRP D 20 -22.35 -36.30 7.14
CA TRP D 20 -21.38 -37.39 7.03
C TRP D 20 -20.46 -37.44 8.23
N LYS D 21 -20.01 -38.66 8.55
CA LYS D 21 -19.22 -38.99 9.73
C LYS D 21 -17.71 -38.93 9.45
N CYS D 22 -16.95 -38.48 10.45
CA CYS D 22 -15.50 -38.55 10.43
C CYS D 22 -15.03 -39.93 10.89
N ASN D 23 -13.92 -40.40 10.32
CA ASN D 23 -13.40 -41.72 10.63
C ASN D 23 -12.49 -41.71 11.85
N LEU D 24 -11.67 -40.66 11.98
CA LEU D 24 -10.63 -40.64 13.00
C LEU D 24 -11.20 -40.48 14.40
N CYS D 25 -12.07 -39.49 14.59
CA CYS D 25 -12.70 -39.25 15.88
C CYS D 25 -14.11 -39.81 16.00
N GLY D 26 -14.75 -40.13 14.87
CA GLY D 26 -16.11 -40.65 14.91
C GLY D 26 -17.16 -39.67 15.34
N TYR D 27 -16.90 -38.37 15.25
CA TYR D 27 -17.92 -37.38 15.49
C TYR D 27 -18.72 -37.21 14.20
N GLU D 28 -20.04 -37.06 14.33
CA GLU D 28 -20.85 -36.86 13.13
C GLU D 28 -21.00 -35.38 12.77
N ASN D 29 -20.56 -35.03 11.57
CA ASN D 29 -20.38 -33.64 11.12
C ASN D 29 -21.55 -33.23 10.23
N ASP D 30 -22.44 -32.34 10.72
CA ASP D 30 -23.71 -32.22 10.03
C ASP D 30 -23.19 -31.38 8.88
N ASP D 31 -23.74 -31.54 7.66
CA ASP D 31 -22.96 -31.38 6.43
C ASP D 31 -22.61 -29.99 5.90
N ASP D 32 -22.62 -28.96 6.73
CA ASP D 32 -22.44 -27.63 6.17
C ASP D 32 -21.09 -27.46 5.49
N ALA D 33 -20.00 -27.72 6.21
CA ALA D 33 -18.66 -27.51 5.69
C ALA D 33 -17.98 -28.84 5.38
N LEU D 34 -16.84 -28.74 4.70
CA LEU D 34 -16.06 -29.91 4.31
C LEU D 34 -15.11 -30.40 5.39
N PHE D 35 -14.90 -29.65 6.47
CA PHE D 35 -13.95 -30.04 7.49
C PHE D 35 -14.63 -30.39 8.81
N CYS D 36 -14.03 -31.34 9.52
CA CYS D 36 -14.52 -31.83 10.81
C CYS D 36 -14.17 -30.90 11.97
N ILE D 37 -15.08 -30.82 12.94
CA ILE D 37 -14.88 -29.95 14.08
C ILE D 37 -13.93 -30.59 15.11
N LYS D 38 -13.97 -31.92 15.26
CA LYS D 38 -13.20 -32.56 16.33
C LYS D 38 -11.72 -32.63 16.00
N CYS D 39 -11.37 -32.97 14.75
CA CYS D 39 -9.99 -33.26 14.39
C CYS D 39 -9.50 -32.53 13.15
N GLY D 40 -10.38 -32.03 12.29
CA GLY D 40 -9.95 -31.32 11.09
C GLY D 40 -9.95 -32.12 9.80
N ALA D 41 -10.55 -33.30 9.78
CA ALA D 41 -10.42 -34.19 8.63
C ALA D 41 -10.91 -33.55 7.34
N GLN D 42 -10.31 -33.98 6.23
CA GLN D 42 -10.50 -33.36 4.93
C GLN D 42 -10.23 -31.86 5.00
#